data_6KHY
#
_entry.id   6KHY
#
_cell.length_a   110.512
_cell.length_b   148.504
_cell.length_c   178.058
_cell.angle_alpha   90.000
_cell.angle_beta   90.000
_cell.angle_gamma   90.000
#
_symmetry.space_group_name_H-M   'C 2 2 21'
#
loop_
_entity.id
_entity.type
_entity.pdbx_description
1 polymer 'Probable AP endonuclease'
2 polymer DNA(CCTCGTCGGGGACGCTG)
3 polymer DNA(GCAGCGTCACCGACGAGG)
4 polymer DNA(CCTCGTCGGGGACGCT)
5 polymer DNA(AGCGTCACCGACGAGG)
6 polymer DNA(CCTCGTCGGGGACGC)
7 polymer 'DNA (AGCGTCACCGACGAGGC)'
8 non-polymer 'ZINC ION'
9 non-polymer '2-(N-MORPHOLINO)-ETHANESULFONIC ACID'
#
loop_
_entity_poly.entity_id
_entity_poly.type
_entity_poly.pdbx_seq_one_letter_code
_entity_poly.pdbx_strand_id
1 'polypeptide(L)'
;GSGGGMFGAFVSHRLWSDSGCTTTCITNSIANYVAFGEQIGFPFKSAQVFIAGPRKAVINIQEDDKVELLKMIVKHNLWV
VAHGTYLDVPWSRRSAFVTHFIQQELLICKEVGIKGLVLHLGAVEPELIVEGLKKIKPVEGVVIYLETPHNKHHTYKYST
MEQIKELFLRIRNTRLKQIGLCIDTAHIWSSGVNISSYNDAGQWLRSLENIHSVIPPSHIMFHLNDAATECGSGIDRHAS
LFEGMIWKSYSHKIKQSGLYCFVEYITRHQCPAILERNLGSSMQLQTALTAEFTTLKSLLK
;
A,B,C,D
2 'polydeoxyribonucleotide' (DC)(DC)(DT)(DC)(DG)(DT)(DC)(DG)(DG)(DG)(DG)(DA)(DC)(DG)(DC)(DT)(DG) E
3 'polydeoxyribonucleotide' (DC)(DA)(DG)(DC)(DG)(DT)(DC)(DA)(DC)(DC)(DG)(DA)(DC)(DG)(DA)(DG) F
4 'polydeoxyribonucleotide' (DC)(DC)(DT)(DC)(DG)(DT)(DC)(DG)(DG)(DG)(DG)(DA)(DC)(DG)(DC)(DT) G
5 'polydeoxyribonucleotide' (DA)(DG)(DC)(DG)(DT)(DC)(DA)(DC)(DC)(DG)(DA)(DC)(DG)(DA)(DG)(DG) H
6 'polydeoxyribonucleotide' (DG)(DC)(DC)(DT)(DC)(DG)(DT)(DC)(DG)(DG)(DG)(DG)(DA)(DC)(DG)(DC) I
7 'polydeoxyribonucleotide' (DA)(DG)(DC)(DG)(DT)(DC)(DA)(DC)(DC)(DG)(DA)(DC)(DG)(DA)(DG)(DG)(DC) J
#
loop_
_chem_comp.id
_chem_comp.type
_chem_comp.name
_chem_comp.formula
DA DNA linking 2'-DEOXYADENOSINE-5'-MONOPHOSPHATE 'C10 H14 N5 O6 P'
DC DNA linking 2'-DEOXYCYTIDINE-5'-MONOPHOSPHATE 'C9 H14 N3 O7 P'
DG DNA linking 2'-DEOXYGUANOSINE-5'-MONOPHOSPHATE 'C10 H14 N5 O7 P'
DT DNA linking THYMIDINE-5'-MONOPHOSPHATE 'C10 H15 N2 O8 P'
MES non-polymer '2-(N-MORPHOLINO)-ETHANESULFONIC ACID' 'C6 H13 N O4 S'
ZN non-polymer 'ZINC ION' 'Zn 2'
#
# COMPACT_ATOMS: atom_id res chain seq x y z
N GLY A 3 -36.50 28.59 7.27
CA GLY A 3 -35.17 28.05 7.05
C GLY A 3 -34.94 27.59 5.63
N GLY A 4 -33.67 27.44 5.26
CA GLY A 4 -33.32 26.95 3.94
C GLY A 4 -32.89 25.50 3.94
N GLY A 5 -31.71 25.22 3.40
CA GLY A 5 -31.21 23.86 3.42
C GLY A 5 -30.54 23.52 4.74
N MET A 6 -30.49 22.22 5.03
CA MET A 6 -29.96 21.71 6.28
C MET A 6 -28.69 20.92 5.98
N PHE A 7 -27.54 21.58 6.10
CA PHE A 7 -26.26 20.98 5.73
C PHE A 7 -25.57 20.37 6.93
N GLY A 8 -24.80 19.32 6.65
CA GLY A 8 -24.05 18.63 7.69
C GLY A 8 -23.10 17.63 7.09
N ALA A 9 -22.49 16.83 7.96
CA ALA A 9 -21.51 15.85 7.54
C ALA A 9 -21.71 14.56 8.33
N PHE A 10 -21.01 13.52 7.90
CA PHE A 10 -21.05 12.23 8.59
C PHE A 10 -20.08 12.26 9.76
N VAL A 11 -20.59 11.89 10.94
CA VAL A 11 -19.82 11.97 12.18
C VAL A 11 -19.36 10.56 12.54
N SER A 12 -18.08 10.28 12.33
CA SER A 12 -17.53 9.00 12.73
C SER A 12 -17.37 8.96 14.25
N HIS A 13 -17.82 7.85 14.85
CA HIS A 13 -17.63 7.66 16.28
C HIS A 13 -16.16 7.76 16.66
N ARG A 14 -15.30 7.10 15.88
CA ARG A 14 -13.87 7.09 16.17
C ARG A 14 -13.28 8.50 16.12
N LEU A 15 -13.54 9.23 15.04
CA LEU A 15 -12.82 10.46 14.75
C LEU A 15 -13.40 11.68 15.44
N TRP A 16 -14.55 11.56 16.11
CA TRP A 16 -15.17 12.72 16.76
C TRP A 16 -15.43 12.55 18.25
N SER A 17 -15.56 11.33 18.76
CA SER A 17 -15.81 11.15 20.18
C SER A 17 -14.53 11.33 21.00
N ASP A 18 -14.66 11.99 22.14
CA ASP A 18 -13.52 12.23 23.02
C ASP A 18 -13.00 10.92 23.56
N SER A 19 -11.68 10.72 23.45
CA SER A 19 -10.97 9.57 23.99
C SER A 19 -11.46 9.13 25.37
N GLY A 20 -12.03 10.04 26.16
CA GLY A 20 -12.48 9.63 27.46
C GLY A 20 -13.98 9.54 27.68
N CYS A 21 -14.72 9.28 26.60
CA CYS A 21 -16.12 8.93 26.73
C CYS A 21 -16.22 7.53 27.32
N THR A 22 -17.38 7.20 27.87
CA THR A 22 -17.52 5.92 28.56
C THR A 22 -18.86 5.29 28.22
N THR A 23 -19.93 6.04 28.41
CA THR A 23 -21.28 5.57 28.12
C THR A 23 -21.97 6.41 27.06
N THR A 24 -21.72 7.72 27.05
CA THR A 24 -22.32 8.62 26.07
C THR A 24 -21.25 9.06 25.07
N CYS A 25 -20.83 8.11 24.23
CA CYS A 25 -19.78 8.40 23.26
C CYS A 25 -20.35 9.06 22.01
N ILE A 26 -21.44 8.52 21.48
CA ILE A 26 -22.06 9.09 20.29
C ILE A 26 -22.55 10.50 20.57
N THR A 27 -23.10 10.73 21.77
CA THR A 27 -23.50 12.08 22.15
C THR A 27 -22.30 13.01 22.20
N ASN A 28 -21.16 12.52 22.69
CA ASN A 28 -19.96 13.35 22.76
C ASN A 28 -19.43 13.67 21.37
N SER A 29 -19.43 12.69 20.45
CA SER A 29 -18.99 12.94 19.10
C SER A 29 -19.83 14.04 18.45
N ILE A 30 -21.13 14.06 18.73
CA ILE A 30 -21.99 15.12 18.23
C ILE A 30 -21.57 16.46 18.85
N ALA A 31 -21.31 16.47 20.15
CA ALA A 31 -20.96 17.70 20.85
C ALA A 31 -19.73 18.37 20.21
N ASN A 32 -18.67 17.59 19.99
CA ASN A 32 -17.49 18.13 19.32
C ASN A 32 -17.80 18.52 17.88
N TYR A 33 -18.64 17.74 17.20
CA TYR A 33 -19.05 18.07 15.85
C TYR A 33 -19.77 19.40 15.78
N VAL A 34 -20.72 19.62 16.72
CA VAL A 34 -21.41 20.90 16.78
C VAL A 34 -20.43 22.03 17.05
N ALA A 35 -19.50 21.82 17.99
CA ALA A 35 -18.51 22.85 18.30
C ALA A 35 -17.64 23.17 17.08
N PHE A 36 -17.22 22.14 16.33
CA PHE A 36 -16.40 22.36 15.15
C PHE A 36 -17.10 23.28 14.15
N GLY A 37 -18.41 23.10 13.96
CA GLY A 37 -19.15 23.97 13.05
C GLY A 37 -19.21 25.40 13.53
N GLU A 38 -19.55 25.59 14.81
CA GLU A 38 -19.60 26.94 15.37
C GLU A 38 -18.25 27.63 15.31
N GLN A 39 -17.15 26.88 15.41
CA GLN A 39 -15.82 27.48 15.34
C GLN A 39 -15.50 27.94 13.92
N ILE A 40 -15.75 27.07 12.93
CA ILE A 40 -15.46 27.41 11.54
C ILE A 40 -16.50 28.36 10.94
N GLY A 41 -17.50 28.77 11.72
CA GLY A 41 -18.47 29.72 11.24
C GLY A 41 -19.59 29.14 10.42
N PHE A 42 -19.90 27.86 10.60
CA PHE A 42 -20.94 27.18 9.83
C PHE A 42 -21.75 26.31 10.78
N PRO A 43 -22.73 26.88 11.45
CA PRO A 43 -23.58 26.08 12.35
C PRO A 43 -24.33 25.01 11.56
N PHE A 44 -24.11 23.75 11.93
CA PHE A 44 -24.72 22.64 11.23
C PHE A 44 -26.18 22.48 11.62
N LYS A 45 -27.00 22.09 10.65
CA LYS A 45 -28.40 21.76 10.90
C LYS A 45 -28.71 20.29 10.70
N SER A 46 -27.76 19.50 10.21
CA SER A 46 -27.98 18.08 9.96
C SER A 46 -26.72 17.30 10.30
N ALA A 47 -26.88 15.98 10.43
CA ALA A 47 -25.77 15.10 10.76
C ALA A 47 -26.17 13.66 10.46
N GLN A 48 -25.16 12.83 10.21
CA GLN A 48 -25.36 11.41 9.96
C GLN A 48 -24.37 10.61 10.80
N VAL A 49 -24.87 9.59 11.48
CA VAL A 49 -24.06 8.76 12.36
C VAL A 49 -24.45 7.30 12.16
N PHE A 50 -23.61 6.41 12.70
CA PHE A 50 -23.92 5.00 12.79
C PHE A 50 -24.38 4.68 14.21
N ILE A 51 -25.48 3.94 14.33
CA ILE A 51 -25.92 3.40 15.60
C ILE A 51 -25.70 1.90 15.69
N ALA A 52 -25.03 1.32 14.70
CA ALA A 52 -24.79 -0.12 14.65
C ALA A 52 -23.75 -0.38 13.57
N GLY A 53 -23.06 -1.50 13.70
CA GLY A 53 -22.07 -1.90 12.73
C GLY A 53 -20.90 -0.96 12.55
N PRO A 54 -20.59 -0.60 11.29
CA PRO A 54 -21.38 -0.99 10.12
C PRO A 54 -20.98 -2.34 9.52
N ARG A 55 -19.98 -3.00 10.12
CA ARG A 55 -19.49 -4.27 9.60
C ARG A 55 -20.15 -5.47 10.25
N LYS A 56 -20.88 -5.28 11.34
CA LYS A 56 -21.54 -6.38 12.04
C LYS A 56 -22.92 -5.93 12.49
N ALA A 57 -23.88 -6.85 12.46
CA ALA A 57 -25.27 -6.54 12.83
C ALA A 57 -25.38 -6.52 14.36
N VAL A 58 -24.72 -5.54 14.97
CA VAL A 58 -24.68 -5.37 16.41
C VAL A 58 -25.00 -3.92 16.75
N ILE A 59 -25.77 -3.71 17.80
CA ILE A 59 -26.16 -2.37 18.24
C ILE A 59 -24.99 -1.76 19.01
N ASN A 60 -24.54 -0.59 18.56
CA ASN A 60 -23.41 0.09 19.18
C ASN A 60 -23.82 1.01 20.32
N ILE A 61 -24.96 1.69 20.19
CA ILE A 61 -25.35 2.67 21.19
C ILE A 61 -25.69 1.98 22.51
N GLN A 62 -25.59 2.75 23.59
CA GLN A 62 -25.86 2.27 24.93
C GLN A 62 -27.01 3.06 25.55
N GLU A 63 -27.63 2.48 26.57
CA GLU A 63 -28.80 3.10 27.17
C GLU A 63 -28.49 4.48 27.76
N ASP A 64 -27.29 4.66 28.30
CA ASP A 64 -26.88 5.99 28.73
C ASP A 64 -26.75 6.94 27.55
N ASP A 65 -26.12 6.48 26.47
CA ASP A 65 -25.95 7.34 25.29
C ASP A 65 -27.30 7.72 24.69
N LYS A 66 -28.28 6.80 24.74
CA LYS A 66 -29.60 7.09 24.21
C LYS A 66 -30.20 8.34 24.84
N VAL A 67 -30.21 8.39 26.17
CA VAL A 67 -30.90 9.46 26.89
C VAL A 67 -30.24 10.80 26.59
N GLU A 68 -28.91 10.86 26.68
CA GLU A 68 -28.22 12.13 26.48
C GLU A 68 -28.19 12.54 25.02
N LEU A 69 -28.26 11.59 24.09
CA LEU A 69 -28.28 11.94 22.67
C LEU A 69 -29.55 12.68 22.30
N LEU A 70 -30.69 12.24 22.84
CA LEU A 70 -31.95 12.93 22.55
C LEU A 70 -31.91 14.37 23.04
N LYS A 71 -31.39 14.59 24.25
CA LYS A 71 -31.25 15.96 24.75
C LYS A 71 -30.28 16.77 23.88
N MET A 72 -29.22 16.13 23.40
CA MET A 72 -28.25 16.82 22.54
C MET A 72 -28.87 17.23 21.22
N ILE A 73 -29.72 16.37 20.64
CA ILE A 73 -30.34 16.68 19.36
C ILE A 73 -31.34 17.81 19.51
N VAL A 74 -32.15 17.77 20.56
CA VAL A 74 -33.17 18.81 20.75
C VAL A 74 -32.51 20.14 21.10
N LYS A 75 -31.42 20.11 21.86
CA LYS A 75 -30.76 21.35 22.26
C LYS A 75 -30.25 22.12 21.06
N HIS A 76 -29.68 21.43 20.07
CA HIS A 76 -29.14 22.08 18.89
C HIS A 76 -30.04 21.96 17.67
N ASN A 77 -31.26 21.45 17.84
CA ASN A 77 -32.26 21.37 16.78
C ASN A 77 -31.69 20.74 15.52
N LEU A 78 -31.16 19.52 15.69
CA LEU A 78 -30.44 18.83 14.63
C LEU A 78 -31.35 17.85 13.91
N TRP A 79 -31.19 17.76 12.60
CA TRP A 79 -31.87 16.76 11.77
C TRP A 79 -30.88 15.65 11.52
N VAL A 80 -31.05 14.52 12.21
CA VAL A 80 -30.06 13.46 12.21
C VAL A 80 -30.67 12.20 11.62
N VAL A 81 -29.92 11.55 10.75
CA VAL A 81 -30.26 10.21 10.25
C VAL A 81 -29.15 9.26 10.67
N ALA A 82 -29.48 7.98 10.65
CA ALA A 82 -28.53 6.91 10.92
C ALA A 82 -28.39 6.08 9.66
N HIS A 83 -27.16 5.96 9.17
CA HIS A 83 -26.90 5.04 8.06
C HIS A 83 -26.91 3.62 8.61
N GLY A 84 -27.74 2.77 8.01
CA GLY A 84 -27.80 1.39 8.45
C GLY A 84 -26.49 0.67 8.18
N THR A 85 -26.32 -0.45 8.88
CA THR A 85 -25.15 -1.28 8.65
C THR A 85 -25.19 -1.84 7.23
N TYR A 86 -24.02 -2.26 6.76
CA TYR A 86 -23.96 -2.83 5.42
C TYR A 86 -24.67 -4.17 5.32
N LEU A 87 -25.12 -4.73 6.43
CA LEU A 87 -25.87 -5.99 6.43
C LEU A 87 -27.36 -5.78 6.25
N ASP A 88 -27.82 -4.54 6.12
CA ASP A 88 -29.24 -4.22 6.08
C ASP A 88 -29.74 -4.33 4.64
N VAL A 89 -30.14 -5.53 4.25
CA VAL A 89 -30.70 -5.78 2.93
C VAL A 89 -31.98 -6.61 3.09
N PRO A 90 -33.14 -5.97 3.22
CA PRO A 90 -34.39 -6.73 3.44
C PRO A 90 -34.74 -7.69 2.31
N TRP A 91 -34.15 -7.53 1.13
CA TRP A 91 -34.43 -8.38 -0.01
C TRP A 91 -33.32 -9.42 -0.22
N SER A 92 -33.16 -10.28 0.79
CA SER A 92 -32.12 -11.30 0.79
C SER A 92 -32.76 -12.66 1.06
N ARG A 93 -31.94 -13.70 1.13
CA ARG A 93 -32.47 -15.04 1.37
C ARG A 93 -32.95 -15.22 2.80
N ARG A 94 -32.09 -14.93 3.78
CA ARG A 94 -32.43 -15.07 5.19
C ARG A 94 -32.74 -13.71 5.81
N SER A 95 -33.73 -13.04 5.24
CA SER A 95 -34.11 -11.70 5.65
C SER A 95 -35.00 -11.67 6.89
N ALA A 96 -35.13 -12.79 7.61
CA ALA A 96 -35.93 -12.76 8.82
C ALA A 96 -35.16 -12.15 9.98
N PHE A 97 -33.86 -12.45 10.08
CA PHE A 97 -33.04 -11.77 11.07
C PHE A 97 -32.84 -10.31 10.68
N VAL A 98 -32.53 -10.06 9.40
CA VAL A 98 -32.20 -8.71 8.95
C VAL A 98 -33.37 -7.76 9.16
N THR A 99 -34.58 -8.18 8.78
CA THR A 99 -35.74 -7.31 8.96
C THR A 99 -35.98 -6.99 10.42
N HIS A 100 -35.83 -7.99 11.30
CA HIS A 100 -35.98 -7.73 12.73
C HIS A 100 -34.89 -6.78 13.23
N PHE A 101 -33.68 -6.90 12.69
CA PHE A 101 -32.60 -6.02 13.10
C PHE A 101 -32.90 -4.58 12.70
N ILE A 102 -33.38 -4.37 11.47
CA ILE A 102 -33.77 -3.02 11.06
C ILE A 102 -34.91 -2.52 11.91
N GLN A 103 -35.84 -3.41 12.27
CA GLN A 103 -36.93 -3.04 13.17
C GLN A 103 -36.38 -2.50 14.49
N GLN A 104 -35.29 -3.09 14.98
CA GLN A 104 -34.66 -2.58 16.19
C GLN A 104 -34.09 -1.18 15.98
N GLU A 105 -33.32 -1.00 14.90
CA GLU A 105 -32.72 0.30 14.60
C GLU A 105 -33.79 1.38 14.49
N LEU A 106 -34.91 1.06 13.82
CA LEU A 106 -35.97 2.04 13.65
C LEU A 106 -36.53 2.49 15.00
N LEU A 107 -36.73 1.54 15.93
CA LEU A 107 -37.26 1.88 17.24
C LEU A 107 -36.29 2.75 18.04
N ILE A 108 -34.98 2.53 17.87
CA ILE A 108 -34.01 3.35 18.58
C ILE A 108 -33.99 4.77 18.03
N CYS A 109 -34.12 4.91 16.70
CA CYS A 109 -34.14 6.24 16.10
C CYS A 109 -35.29 7.08 16.66
N LYS A 110 -36.47 6.50 16.78
CA LYS A 110 -37.57 7.19 17.45
C LYS A 110 -37.24 7.45 18.92
N GLU A 111 -36.56 6.50 19.56
CA GLU A 111 -36.24 6.63 20.98
C GLU A 111 -35.36 7.85 21.24
N VAL A 112 -34.47 8.19 20.31
CA VAL A 112 -33.47 9.23 20.53
C VAL A 112 -33.66 10.44 19.62
N GLY A 113 -34.73 10.48 18.83
CA GLY A 113 -35.01 11.64 18.00
C GLY A 113 -34.31 11.65 16.66
N ILE A 114 -33.84 10.52 16.17
CA ILE A 114 -33.25 10.45 14.84
C ILE A 114 -34.38 10.32 13.82
N LYS A 115 -34.25 11.05 12.71
CA LYS A 115 -35.36 11.25 11.79
C LYS A 115 -35.42 10.22 10.66
N GLY A 116 -34.52 9.25 10.61
CA GLY A 116 -34.59 8.27 9.55
C GLY A 116 -33.42 7.32 9.56
N LEU A 117 -33.52 6.31 8.69
CA LEU A 117 -32.50 5.30 8.51
C LEU A 117 -32.22 5.14 7.02
N VAL A 118 -30.94 5.16 6.66
CA VAL A 118 -30.53 5.07 5.26
C VAL A 118 -30.21 3.63 4.92
N LEU A 119 -30.89 3.10 3.90
CA LEU A 119 -30.66 1.74 3.41
C LEU A 119 -30.14 1.80 1.97
N HIS A 120 -29.22 0.90 1.65
CA HIS A 120 -28.70 0.82 0.29
C HIS A 120 -29.64 0.03 -0.60
N LEU A 121 -29.83 0.53 -1.83
CA LEU A 121 -30.61 -0.18 -2.83
C LEU A 121 -29.73 -1.17 -3.57
N GLY A 122 -30.27 -2.36 -3.80
CA GLY A 122 -29.58 -3.34 -4.61
C GLY A 122 -29.85 -3.17 -6.09
N ALA A 123 -29.04 -3.86 -6.90
CA ALA A 123 -29.26 -3.91 -8.35
C ALA A 123 -30.27 -4.99 -8.68
N VAL A 124 -31.46 -4.86 -8.09
CA VAL A 124 -32.50 -5.87 -8.17
C VAL A 124 -33.77 -5.22 -8.71
N GLU A 125 -34.63 -6.06 -9.29
CA GLU A 125 -35.92 -5.61 -9.77
C GLU A 125 -36.71 -4.97 -8.64
N PRO A 126 -37.52 -3.94 -8.93
CA PRO A 126 -38.22 -3.23 -7.85
C PRO A 126 -39.21 -4.11 -7.10
N GLU A 127 -39.70 -5.18 -7.73
CA GLU A 127 -40.66 -6.05 -7.05
C GLU A 127 -40.04 -6.73 -5.84
N LEU A 128 -38.77 -7.12 -5.95
CA LEU A 128 -38.09 -7.74 -4.81
C LEU A 128 -37.79 -6.72 -3.72
N ILE A 129 -37.53 -5.48 -4.09
CA ILE A 129 -37.23 -4.45 -3.10
C ILE A 129 -38.45 -4.19 -2.22
N VAL A 130 -39.61 -4.01 -2.84
CA VAL A 130 -40.82 -3.77 -2.05
C VAL A 130 -41.18 -5.02 -1.26
N GLU A 131 -40.87 -6.20 -1.79
CA GLU A 131 -41.11 -7.43 -1.03
C GLU A 131 -40.36 -7.40 0.29
N GLY A 132 -39.08 -7.05 0.25
CA GLY A 132 -38.32 -6.92 1.50
C GLY A 132 -38.84 -5.79 2.36
N LEU A 133 -39.22 -4.68 1.73
CA LEU A 133 -39.74 -3.54 2.48
C LEU A 133 -41.10 -3.85 3.12
N LYS A 134 -41.89 -4.73 2.50
CA LYS A 134 -43.19 -5.07 3.07
C LYS A 134 -43.07 -5.77 4.42
N LYS A 135 -41.95 -6.45 4.67
CA LYS A 135 -41.80 -7.14 5.95
C LYS A 135 -41.44 -6.21 7.10
N ILE A 136 -41.28 -4.91 6.85
CA ILE A 136 -40.85 -3.97 7.87
C ILE A 136 -42.07 -3.20 8.36
N LYS A 137 -42.44 -3.41 9.61
CA LYS A 137 -43.49 -2.63 10.25
C LYS A 137 -42.92 -1.28 10.66
N PRO A 138 -43.49 -0.17 10.19
CA PRO A 138 -42.86 1.13 10.44
C PRO A 138 -43.12 1.63 11.86
N VAL A 139 -42.29 2.59 12.25
CA VAL A 139 -42.48 3.34 13.49
C VAL A 139 -42.68 4.80 13.11
N GLU A 140 -43.43 5.51 13.96
CA GLU A 140 -43.76 6.90 13.64
C GLU A 140 -42.52 7.78 13.76
N GLY A 141 -42.51 8.86 12.97
CA GLY A 141 -41.44 9.83 13.02
C GLY A 141 -40.14 9.41 12.36
N VAL A 142 -40.02 8.16 11.92
CA VAL A 142 -38.79 7.65 11.31
C VAL A 142 -39.12 7.13 9.93
N VAL A 143 -38.43 7.66 8.92
CA VAL A 143 -38.67 7.31 7.52
C VAL A 143 -37.43 6.61 6.96
N ILE A 144 -37.66 5.52 6.22
CA ILE A 144 -36.57 4.78 5.60
C ILE A 144 -36.16 5.47 4.31
N TYR A 145 -34.91 5.91 4.25
CA TYR A 145 -34.37 6.52 3.03
C TYR A 145 -33.65 5.46 2.21
N LEU A 146 -33.99 5.37 0.93
CA LEU A 146 -33.39 4.41 0.02
C LEU A 146 -32.30 5.12 -0.77
N GLU A 147 -31.05 4.70 -0.57
CA GLU A 147 -29.91 5.38 -1.16
C GLU A 147 -29.61 4.84 -2.55
N THR A 148 -29.23 5.74 -3.45
CA THR A 148 -28.93 5.33 -4.82
C THR A 148 -27.69 4.45 -4.84
N PRO A 149 -27.73 3.29 -5.49
CA PRO A 149 -26.57 2.40 -5.52
C PRO A 149 -25.53 2.78 -6.56
N HIS A 150 -24.59 1.86 -6.80
CA HIS A 150 -23.44 2.11 -7.67
C HIS A 150 -22.99 0.77 -8.25
N ASN A 151 -23.25 0.55 -9.53
CA ASN A 151 -22.76 -0.64 -10.22
C ASN A 151 -22.40 -0.22 -11.64
N LYS A 152 -22.09 -1.22 -12.48
CA LYS A 152 -21.57 -0.90 -13.81
C LYS A 152 -22.30 -1.67 -14.91
N HIS A 153 -22.37 -2.99 -14.77
CA HIS A 153 -22.95 -3.85 -15.81
C HIS A 153 -24.27 -4.47 -15.36
N HIS A 154 -25.04 -3.75 -14.57
CA HIS A 154 -26.33 -4.19 -14.07
C HIS A 154 -27.43 -3.31 -14.68
N THR A 155 -28.54 -3.95 -15.06
CA THR A 155 -29.66 -3.20 -15.62
C THR A 155 -30.21 -2.21 -14.61
N TYR A 156 -30.50 -2.66 -13.40
CA TYR A 156 -31.14 -1.80 -12.39
C TYR A 156 -30.05 -1.03 -11.67
N LYS A 157 -29.90 0.25 -12.03
CA LYS A 157 -28.94 1.14 -11.42
C LYS A 157 -29.58 2.14 -10.47
N TYR A 158 -30.86 2.43 -10.65
CA TYR A 158 -31.59 3.43 -9.86
C TYR A 158 -30.85 4.75 -9.81
N SER A 159 -30.22 5.12 -10.92
CA SER A 159 -29.58 6.41 -11.05
C SER A 159 -30.18 7.27 -12.15
N THR A 160 -31.00 6.71 -13.02
CA THR A 160 -31.78 7.47 -13.98
C THR A 160 -33.18 7.68 -13.42
N MET A 161 -33.83 8.76 -13.85
CA MET A 161 -35.13 9.10 -13.30
C MET A 161 -36.19 8.08 -13.70
N GLU A 162 -36.03 7.43 -14.85
CA GLU A 162 -37.00 6.42 -15.26
C GLU A 162 -37.01 5.25 -14.28
N GLN A 163 -35.85 4.90 -13.74
CA GLN A 163 -35.77 3.78 -12.79
C GLN A 163 -36.20 4.21 -11.40
N ILE A 164 -35.86 5.44 -10.99
CA ILE A 164 -36.29 5.93 -9.68
C ILE A 164 -37.80 6.03 -9.62
N LYS A 165 -38.41 6.55 -10.69
CA LYS A 165 -39.87 6.67 -10.73
C LYS A 165 -40.55 5.31 -10.66
N GLU A 166 -40.07 4.37 -11.47
CA GLU A 166 -40.67 3.04 -11.50
C GLU A 166 -40.59 2.36 -10.14
N LEU A 167 -39.48 2.56 -9.43
CA LEU A 167 -39.36 2.00 -8.09
C LEU A 167 -40.40 2.59 -7.15
N PHE A 168 -40.39 3.91 -6.99
CA PHE A 168 -41.29 4.55 -6.05
C PHE A 168 -42.74 4.51 -6.50
N LEU A 169 -43.00 4.35 -7.80
CA LEU A 169 -44.37 4.11 -8.25
C LEU A 169 -44.89 2.80 -7.69
N ARG A 170 -44.07 1.74 -7.74
CA ARG A 170 -44.45 0.48 -7.09
C ARG A 170 -44.61 0.66 -5.58
N ILE A 171 -43.81 1.53 -4.98
CA ILE A 171 -43.93 1.78 -3.55
C ILE A 171 -45.25 2.46 -3.24
N ARG A 172 -45.63 3.45 -4.04
CA ARG A 172 -46.88 4.17 -3.80
C ARG A 172 -48.09 3.29 -4.09
N ASN A 173 -48.00 2.46 -5.14
CA ASN A 173 -49.09 1.55 -5.46
C ASN A 173 -49.29 0.49 -4.40
N THR A 174 -48.26 0.19 -3.61
CA THR A 174 -48.35 -0.80 -2.54
C THR A 174 -48.75 -0.17 -1.21
N ARG A 175 -49.00 1.14 -1.20
CA ARG A 175 -49.36 1.86 0.02
C ARG A 175 -48.36 1.57 1.13
N LEU A 176 -47.08 1.78 0.82
CA LEU A 176 -46.01 1.64 1.79
C LEU A 176 -45.72 3.02 2.39
N LYS A 177 -45.80 3.12 3.70
CA LYS A 177 -45.68 4.41 4.36
C LYS A 177 -44.25 4.66 4.82
N GLN A 178 -43.87 5.94 4.86
CA GLN A 178 -42.60 6.40 5.42
C GLN A 178 -41.42 5.76 4.68
N ILE A 179 -41.41 5.94 3.37
CA ILE A 179 -40.28 5.53 2.53
C ILE A 179 -39.79 6.76 1.79
N GLY A 180 -38.48 7.00 1.86
CA GLY A 180 -37.90 8.16 1.22
C GLY A 180 -36.79 7.82 0.25
N LEU A 181 -36.11 8.83 -0.27
CA LEU A 181 -35.05 8.66 -1.24
C LEU A 181 -33.83 9.46 -0.81
N CYS A 182 -32.68 8.82 -0.81
CA CYS A 182 -31.42 9.47 -0.50
C CYS A 182 -30.57 9.48 -1.77
N ILE A 183 -30.15 10.67 -2.20
CA ILE A 183 -29.43 10.85 -3.46
C ILE A 183 -27.97 11.09 -3.12
N ASP A 184 -27.11 10.15 -3.52
CA ASP A 184 -25.67 10.29 -3.38
C ASP A 184 -25.11 10.72 -4.74
N THR A 185 -24.58 11.95 -4.78
CA THR A 185 -24.05 12.48 -6.04
C THR A 185 -22.93 11.60 -6.58
N ALA A 186 -22.08 11.08 -5.69
CA ALA A 186 -21.00 10.21 -6.13
C ALA A 186 -21.52 8.88 -6.66
N HIS A 187 -22.61 8.37 -6.08
CA HIS A 187 -23.13 7.07 -6.51
C HIS A 187 -23.74 7.15 -7.89
N ILE A 188 -24.58 8.16 -8.14
CA ILE A 188 -25.20 8.29 -9.46
C ILE A 188 -24.15 8.68 -10.50
N TRP A 189 -23.08 9.35 -10.09
CA TRP A 189 -22.03 9.70 -11.02
C TRP A 189 -21.20 8.49 -11.40
N SER A 190 -20.81 7.68 -10.42
CA SER A 190 -20.14 6.42 -10.70
C SER A 190 -21.08 5.40 -11.33
N SER A 191 -22.34 5.74 -11.52
CA SER A 191 -23.31 4.85 -12.12
C SER A 191 -23.69 5.24 -13.54
N GLY A 192 -23.05 6.27 -14.10
CA GLY A 192 -23.25 6.65 -15.48
C GLY A 192 -23.86 8.01 -15.70
N VAL A 193 -24.32 8.69 -14.65
CA VAL A 193 -25.02 9.96 -14.81
C VAL A 193 -24.01 11.09 -14.65
N ASN A 194 -23.72 11.78 -15.75
CA ASN A 194 -22.79 12.90 -15.72
C ASN A 194 -23.48 14.11 -15.12
N ILE A 195 -22.96 14.60 -13.99
CA ILE A 195 -23.53 15.74 -13.30
C ILE A 195 -22.45 16.80 -13.07
N SER A 196 -21.56 16.96 -14.05
CA SER A 196 -20.44 17.88 -13.88
C SER A 196 -20.87 19.33 -14.08
N SER A 197 -21.52 19.62 -15.21
CA SER A 197 -21.91 21.00 -15.51
C SER A 197 -23.23 21.35 -14.84
N TYR A 198 -23.48 22.65 -14.74
CA TYR A 198 -24.71 23.14 -14.14
C TYR A 198 -25.94 22.64 -14.89
N ASN A 199 -25.86 22.60 -16.22
CA ASN A 199 -27.03 22.23 -17.02
C ASN A 199 -27.29 20.73 -16.96
N ASP A 200 -26.24 19.91 -16.86
CA ASP A 200 -26.45 18.47 -16.77
C ASP A 200 -27.11 18.09 -15.44
N ALA A 201 -26.63 18.66 -14.34
CA ALA A 201 -27.31 18.49 -13.07
C ALA A 201 -28.71 19.11 -13.11
N GLY A 202 -28.85 20.23 -13.83
CA GLY A 202 -30.15 20.86 -13.97
C GLY A 202 -31.19 19.92 -14.57
N GLN A 203 -30.86 19.32 -15.71
CA GLN A 203 -31.81 18.45 -16.40
C GLN A 203 -32.16 17.25 -15.54
N TRP A 204 -31.19 16.71 -14.80
CA TRP A 204 -31.45 15.59 -13.92
C TRP A 204 -32.38 15.99 -12.78
N LEU A 205 -32.07 17.11 -12.12
CA LEU A 205 -32.90 17.57 -11.01
C LEU A 205 -34.28 18.01 -11.51
N ARG A 206 -34.36 18.64 -12.68
CA ARG A 206 -35.66 18.98 -13.25
C ARG A 206 -36.52 17.74 -13.44
N SER A 207 -35.92 16.65 -13.91
CA SER A 207 -36.67 15.41 -14.09
C SER A 207 -37.08 14.83 -12.74
N LEU A 208 -36.30 15.07 -11.69
CA LEU A 208 -36.69 14.63 -10.35
C LEU A 208 -37.92 15.39 -9.87
N GLU A 209 -37.96 16.69 -10.14
CA GLU A 209 -39.12 17.49 -9.75
C GLU A 209 -40.37 17.09 -10.51
N ASN A 210 -40.22 16.59 -11.74
CA ASN A 210 -41.36 16.20 -12.55
C ASN A 210 -42.10 14.99 -12.01
N ILE A 211 -41.52 14.26 -11.06
CA ILE A 211 -42.18 13.10 -10.49
C ILE A 211 -42.42 13.31 -8.99
N HIS A 212 -42.64 14.57 -8.60
CA HIS A 212 -42.85 14.87 -7.19
C HIS A 212 -44.11 14.22 -6.65
N SER A 213 -45.06 13.85 -7.52
CA SER A 213 -46.24 13.13 -7.06
C SER A 213 -45.89 11.72 -6.62
N VAL A 214 -44.79 11.17 -7.14
CA VAL A 214 -44.33 9.85 -6.75
C VAL A 214 -43.39 9.91 -5.57
N ILE A 215 -42.43 10.84 -5.60
CA ILE A 215 -41.50 11.04 -4.50
C ILE A 215 -41.42 12.53 -4.20
N PRO A 216 -42.15 13.02 -3.20
CA PRO A 216 -42.14 14.46 -2.93
C PRO A 216 -40.84 14.87 -2.29
N PRO A 217 -40.40 16.12 -2.51
CA PRO A 217 -39.13 16.58 -1.91
C PRO A 217 -39.12 16.56 -0.39
N SER A 218 -40.28 16.42 0.26
CA SER A 218 -40.29 16.27 1.71
C SER A 218 -39.68 14.95 2.16
N HIS A 219 -39.59 13.98 1.26
CA HIS A 219 -39.03 12.67 1.57
C HIS A 219 -37.71 12.44 0.82
N ILE A 220 -36.92 13.50 0.64
CA ILE A 220 -35.68 13.43 -0.11
C ILE A 220 -34.56 14.04 0.72
N MET A 221 -33.42 13.35 0.78
CA MET A 221 -32.21 13.88 1.39
C MET A 221 -31.07 13.69 0.40
N PHE A 222 -29.94 14.32 0.68
CA PHE A 222 -28.82 14.30 -0.26
C PHE A 222 -27.52 13.95 0.45
N HIS A 223 -26.68 13.21 -0.25
CA HIS A 223 -25.29 12.97 0.15
C HIS A 223 -24.41 13.74 -0.83
N LEU A 224 -23.87 14.87 -0.38
CA LEU A 224 -23.05 15.75 -1.22
C LEU A 224 -21.62 15.23 -1.22
N ASN A 225 -21.29 14.40 -2.20
CA ASN A 225 -19.95 13.83 -2.31
C ASN A 225 -19.41 14.09 -3.72
N ASP A 226 -18.16 14.55 -3.80
CA ASP A 226 -17.44 14.45 -5.04
C ASP A 226 -16.92 13.03 -5.19
N ALA A 227 -16.35 12.72 -6.35
CA ALA A 227 -15.91 11.36 -6.63
C ALA A 227 -14.52 11.34 -7.22
N ALA A 228 -13.69 10.42 -6.72
CA ALA A 228 -12.34 10.20 -7.22
C ALA A 228 -12.28 9.03 -8.20
N THR A 229 -13.35 8.84 -8.98
CA THR A 229 -13.41 7.79 -9.98
C THR A 229 -13.98 8.36 -11.26
N GLU A 230 -14.19 7.50 -12.24
CA GLU A 230 -14.73 7.91 -13.53
C GLU A 230 -16.24 7.73 -13.57
N CYS A 231 -16.89 8.52 -14.42
CA CYS A 231 -18.32 8.39 -14.62
C CYS A 231 -18.64 7.03 -15.23
N GLY A 232 -19.42 6.22 -14.51
CA GLY A 232 -19.79 4.91 -14.97
C GLY A 232 -18.86 3.79 -14.55
N SER A 233 -17.82 4.10 -13.78
CA SER A 233 -16.88 3.05 -13.35
C SER A 233 -17.56 2.04 -12.44
N GLY A 234 -18.44 2.51 -11.55
CA GLY A 234 -19.09 1.64 -10.59
C GLY A 234 -18.39 1.54 -9.26
N ILE A 235 -17.44 2.42 -8.97
CA ILE A 235 -16.61 2.36 -7.77
C ILE A 235 -16.97 3.55 -6.88
N ASP A 236 -17.17 3.27 -5.59
CA ASP A 236 -17.50 4.31 -4.61
C ASP A 236 -16.20 4.84 -4.01
N ARG A 237 -15.79 6.03 -4.45
CA ARG A 237 -14.60 6.68 -3.92
C ARG A 237 -14.97 8.15 -3.73
N HIS A 238 -15.42 8.49 -2.52
CA HIS A 238 -15.83 9.84 -2.22
C HIS A 238 -14.62 10.78 -2.21
N ALA A 239 -14.91 12.06 -2.45
CA ALA A 239 -13.88 13.09 -2.41
C ALA A 239 -14.53 14.38 -1.95
N SER A 240 -13.70 15.31 -1.49
CA SER A 240 -14.20 16.61 -1.08
C SER A 240 -14.70 17.39 -2.30
N LEU A 241 -15.65 18.29 -2.05
CA LEU A 241 -16.28 19.03 -3.15
C LEU A 241 -15.24 19.83 -3.94
N PHE A 242 -15.31 19.70 -5.27
CA PHE A 242 -14.43 20.33 -6.24
C PHE A 242 -13.02 19.78 -6.23
N GLU A 243 -12.78 18.66 -5.55
CA GLU A 243 -11.48 18.01 -5.57
C GLU A 243 -11.51 16.64 -6.24
N GLY A 244 -12.69 16.16 -6.62
CA GLY A 244 -12.81 14.89 -7.32
C GLY A 244 -13.08 15.11 -8.81
N MET A 245 -13.25 13.98 -9.50
CA MET A 245 -13.35 14.03 -10.97
C MET A 245 -14.67 14.61 -11.46
N ILE A 246 -15.61 14.96 -10.59
CA ILE A 246 -16.85 15.57 -11.03
C ILE A 246 -16.72 17.07 -11.20
N TRP A 247 -16.26 17.77 -10.17
CA TRP A 247 -16.28 19.22 -10.15
C TRP A 247 -14.89 19.83 -9.95
N LYS A 248 -13.84 19.06 -10.20
CA LYS A 248 -12.49 19.60 -10.16
C LYS A 248 -12.30 20.70 -11.20
N SER A 249 -12.90 20.53 -12.38
CA SER A 249 -12.80 21.53 -13.44
C SER A 249 -13.45 22.85 -13.06
N TYR A 250 -14.31 22.87 -12.05
CA TYR A 250 -15.01 24.07 -11.63
C TYR A 250 -14.47 24.61 -10.31
N SER A 251 -13.16 24.56 -10.13
CA SER A 251 -12.56 25.00 -8.87
C SER A 251 -12.63 26.51 -8.71
N HIS A 252 -12.63 27.26 -9.81
CA HIS A 252 -12.66 28.72 -9.75
C HIS A 252 -13.87 29.29 -10.48
N LYS A 253 -14.87 28.46 -10.74
CA LYS A 253 -16.15 28.89 -11.28
C LYS A 253 -17.24 28.05 -10.62
N ILE A 254 -17.33 28.15 -9.30
CA ILE A 254 -18.11 27.20 -8.52
C ILE A 254 -19.60 27.37 -8.79
N LYS A 255 -20.05 28.57 -9.13
CA LYS A 255 -21.46 28.79 -9.38
C LYS A 255 -21.90 28.37 -10.78
N GLN A 256 -20.98 27.83 -11.59
CA GLN A 256 -21.33 27.22 -12.86
C GLN A 256 -21.25 25.70 -12.80
N SER A 257 -21.05 25.14 -11.61
CA SER A 257 -20.88 23.71 -11.44
C SER A 257 -22.22 23.03 -11.18
N GLY A 258 -22.26 21.72 -11.47
CA GLY A 258 -23.41 20.94 -11.12
C GLY A 258 -23.71 20.90 -9.64
N LEU A 259 -22.69 21.13 -8.80
CA LEU A 259 -22.91 21.15 -7.36
C LEU A 259 -23.81 22.30 -6.96
N TYR A 260 -23.52 23.50 -7.44
CA TYR A 260 -24.35 24.66 -7.10
C TYR A 260 -25.79 24.45 -7.50
N CYS A 261 -26.02 23.75 -8.61
CA CYS A 261 -27.39 23.41 -8.99
C CYS A 261 -28.02 22.48 -7.95
N PHE A 262 -27.23 21.58 -7.37
CA PHE A 262 -27.73 20.75 -6.29
C PHE A 262 -27.98 21.57 -5.04
N VAL A 263 -27.10 22.53 -4.75
CA VAL A 263 -27.28 23.39 -3.58
C VAL A 263 -28.55 24.21 -3.74
N GLU A 264 -28.82 24.70 -4.95
CA GLU A 264 -30.05 25.45 -5.20
C GLU A 264 -31.28 24.59 -4.93
N TYR A 265 -31.26 23.33 -5.40
CA TYR A 265 -32.37 22.43 -5.11
C TYR A 265 -32.52 22.20 -3.62
N ILE A 266 -31.41 22.03 -2.90
CA ILE A 266 -31.48 21.76 -1.47
C ILE A 266 -32.08 22.94 -0.73
N THR A 267 -31.68 24.16 -1.09
CA THR A 267 -32.24 25.34 -0.45
C THR A 267 -33.70 25.54 -0.86
N ARG A 268 -34.03 25.27 -2.13
CA ARG A 268 -35.39 25.47 -2.61
C ARG A 268 -36.37 24.57 -1.86
N HIS A 269 -36.03 23.30 -1.68
CA HIS A 269 -36.93 22.34 -1.08
C HIS A 269 -36.59 22.02 0.37
N GLN A 270 -35.67 22.78 0.97
CA GLN A 270 -35.32 22.65 2.38
C GLN A 270 -34.94 21.20 2.72
N CYS A 271 -34.03 20.65 1.92
CA CYS A 271 -33.60 19.27 2.01
C CYS A 271 -32.38 19.13 2.92
N PRO A 272 -32.19 17.95 3.51
CA PRO A 272 -30.95 17.69 4.24
C PRO A 272 -29.83 17.28 3.31
N ALA A 273 -28.61 17.69 3.66
CA ALA A 273 -27.43 17.40 2.86
C ALA A 273 -26.31 16.92 3.78
N ILE A 274 -25.83 15.71 3.54
CA ILE A 274 -24.83 15.06 4.38
C ILE A 274 -23.56 14.88 3.57
N LEU A 275 -22.42 15.23 4.15
CA LEU A 275 -21.13 15.01 3.52
C LEU A 275 -20.49 13.77 4.14
N GLU A 276 -20.48 12.68 3.39
CA GLU A 276 -19.89 11.42 3.82
C GLU A 276 -18.46 11.37 3.29
N ARG A 277 -17.48 11.67 4.11
CA ARG A 277 -16.14 11.52 3.64
C ARG A 277 -15.39 11.08 4.79
N ASN A 278 -14.63 10.02 4.67
CA ASN A 278 -13.83 9.60 5.80
C ASN A 278 -12.40 9.38 5.38
N LEU A 279 -11.50 9.71 6.28
CA LEU A 279 -10.10 9.63 6.02
C LEU A 279 -9.46 9.21 7.29
N GLY A 280 -8.17 8.96 7.24
CA GLY A 280 -7.43 8.47 8.39
C GLY A 280 -7.34 9.23 9.68
N SER A 281 -7.24 10.55 9.66
CA SER A 281 -7.08 11.27 10.91
C SER A 281 -8.01 12.41 11.17
N SER A 282 -8.18 12.76 12.42
CA SER A 282 -9.03 13.86 12.77
C SER A 282 -8.52 15.13 12.17
N MET A 283 -7.22 15.38 12.18
CA MET A 283 -6.70 16.58 11.55
C MET A 283 -6.93 16.57 10.05
N GLN A 284 -6.78 15.41 9.43
CA GLN A 284 -7.04 15.29 7.99
C GLN A 284 -8.50 15.56 7.67
N LEU A 285 -9.42 15.02 8.48
CA LEU A 285 -10.83 15.20 8.21
C LEU A 285 -11.26 16.65 8.38
N GLN A 286 -10.90 17.25 9.52
CA GLN A 286 -11.28 18.63 9.77
C GLN A 286 -10.58 19.60 8.83
N THR A 287 -9.46 19.18 8.21
CA THR A 287 -8.85 19.99 7.17
C THR A 287 -9.72 20.03 5.92
N ALA A 288 -10.14 18.86 5.45
CA ALA A 288 -11.00 18.80 4.27
C ALA A 288 -12.37 19.41 4.55
N LEU A 289 -12.90 19.20 5.76
CA LEU A 289 -14.22 19.73 6.10
C LEU A 289 -14.22 21.26 6.13
N THR A 290 -13.13 21.86 6.60
CA THR A 290 -13.05 23.31 6.62
C THR A 290 -13.08 23.88 5.20
N ALA A 291 -12.41 23.22 4.25
CA ALA A 291 -12.42 23.68 2.88
C ALA A 291 -13.81 23.60 2.27
N GLU A 292 -14.48 22.45 2.45
CA GLU A 292 -15.79 22.25 1.84
C GLU A 292 -16.83 23.19 2.43
N PHE A 293 -16.89 23.31 3.76
CA PHE A 293 -17.95 24.09 4.37
C PHE A 293 -17.73 25.59 4.19
N THR A 294 -16.48 26.04 4.10
CA THR A 294 -16.23 27.43 3.74
C THR A 294 -16.60 27.70 2.28
N THR A 295 -16.46 26.69 1.42
CA THR A 295 -16.92 26.84 0.04
C THR A 295 -18.44 26.93 0.00
N LEU A 296 -19.13 26.15 0.83
CA LEU A 296 -20.58 26.26 0.92
C LEU A 296 -20.99 27.60 1.50
N LYS A 297 -20.27 28.08 2.51
CA LYS A 297 -20.56 29.40 3.07
C LYS A 297 -20.52 30.48 2.01
N SER A 298 -19.53 30.44 1.11
CA SER A 298 -19.48 31.39 0.02
C SER A 298 -20.62 31.18 -0.96
N LEU A 299 -21.02 29.92 -1.18
CA LEU A 299 -22.13 29.63 -2.08
C LEU A 299 -23.44 30.17 -1.54
N LEU A 300 -23.61 30.19 -0.21
CA LEU A 300 -24.83 30.66 0.41
C LEU A 300 -24.74 32.13 0.82
N LYS A 301 -23.68 32.83 0.44
CA LYS A 301 -23.53 34.25 0.77
C LYS A 301 -24.26 35.13 -0.23
N GLY B 3 26.15 7.98 3.12
CA GLY B 3 24.76 8.38 3.01
C GLY B 3 24.03 7.71 1.86
N GLY B 4 22.69 7.73 1.92
CA GLY B 4 21.88 7.16 0.87
C GLY B 4 21.28 8.22 -0.03
N GLY B 5 19.96 8.17 -0.22
CA GLY B 5 19.30 9.18 -1.03
C GLY B 5 19.02 10.45 -0.24
N MET B 6 18.87 11.54 -0.97
CA MET B 6 18.67 12.87 -0.39
C MET B 6 17.26 13.33 -0.75
N PHE B 7 16.32 13.11 0.16
CA PHE B 7 14.92 13.38 -0.09
C PHE B 7 14.53 14.77 0.39
N GLY B 8 13.56 15.37 -0.29
CA GLY B 8 13.09 16.68 0.07
C GLY B 8 11.85 17.04 -0.70
N ALA B 9 11.45 18.30 -0.58
CA ALA B 9 10.24 18.77 -1.23
C ALA B 9 10.46 20.19 -1.77
N PHE B 10 9.49 20.66 -2.55
CA PHE B 10 9.53 22.01 -3.08
C PHE B 10 9.01 23.00 -2.04
N VAL B 11 9.78 24.04 -1.78
CA VAL B 11 9.48 25.01 -0.73
C VAL B 11 8.93 26.26 -1.40
N SER B 12 7.62 26.47 -1.27
CA SER B 12 7.00 27.67 -1.82
C SER B 12 7.34 28.89 -0.98
N HIS B 13 7.61 30.00 -1.66
CA HIS B 13 7.83 31.27 -0.97
C HIS B 13 6.62 31.62 -0.12
N ARG B 14 5.42 31.61 -0.71
CA ARG B 14 4.24 32.09 -0.01
C ARG B 14 3.87 31.17 1.15
N LEU B 15 4.03 29.86 0.99
CA LEU B 15 3.50 28.91 1.95
C LEU B 15 4.47 28.52 3.05
N TRP B 16 5.74 28.94 2.96
CA TRP B 16 6.71 28.58 3.99
C TRP B 16 7.42 29.76 4.64
N SER B 17 7.41 30.91 4.00
CA SER B 17 8.00 32.11 4.51
C SER B 17 7.16 32.77 5.57
N ASP B 18 7.74 33.12 6.71
CA ASP B 18 7.00 33.76 7.77
C ASP B 18 6.62 35.14 7.28
N SER B 19 5.46 35.62 7.70
CA SER B 19 4.91 36.90 7.28
C SER B 19 5.70 38.04 7.81
N GLY B 20 6.59 37.74 8.71
CA GLY B 20 7.41 38.75 9.29
C GLY B 20 8.66 38.91 8.50
N CYS B 21 8.81 38.25 7.37
CA CYS B 21 10.10 38.43 6.74
C CYS B 21 10.08 39.67 5.85
N THR B 22 11.26 40.20 5.57
CA THR B 22 11.35 41.47 4.86
C THR B 22 12.45 41.42 3.81
N THR B 23 13.61 40.92 4.19
CA THR B 23 14.76 40.81 3.29
C THR B 23 15.21 39.38 3.09
N THR B 24 15.19 38.57 4.15
CA THR B 24 15.61 37.17 4.06
C THR B 24 14.39 36.27 4.16
N CYS B 25 13.57 36.31 3.11
CA CYS B 25 12.34 35.51 3.09
C CYS B 25 12.62 34.08 2.65
N ILE B 26 13.40 33.91 1.58
CA ILE B 26 13.73 32.57 1.10
C ILE B 26 14.48 31.79 2.16
N THR B 27 15.39 32.46 2.87
CA THR B 27 16.08 31.81 3.99
C THR B 27 15.10 31.43 5.09
N ASN B 28 14.11 32.29 5.35
CA ASN B 28 13.14 31.98 6.39
C ASN B 28 12.28 30.78 6.01
N SER B 29 11.85 30.72 4.75
CA SER B 29 11.07 29.57 4.29
C SER B 29 11.86 28.27 4.45
N ILE B 30 13.17 28.33 4.19
CA ILE B 30 14.01 27.15 4.39
C ILE B 30 14.07 26.80 5.86
N ALA B 31 14.25 27.80 6.73
CA ALA B 31 14.35 27.55 8.15
C ALA B 31 13.12 26.82 8.68
N ASN B 32 11.93 27.32 8.34
CA ASN B 32 10.70 26.64 8.75
C ASN B 32 10.57 25.28 8.10
N TYR B 33 11.00 25.16 6.84
CA TYR B 33 10.96 23.87 6.15
C TYR B 33 11.82 22.85 6.87
N VAL B 34 13.04 23.23 7.27
CA VAL B 34 13.90 22.34 8.04
C VAL B 34 13.23 21.96 9.36
N ALA B 35 12.64 22.94 10.05
CA ALA B 35 11.98 22.68 11.31
C ALA B 35 10.83 21.67 11.16
N PHE B 36 10.04 21.81 10.09
CA PHE B 36 8.93 20.89 9.86
C PHE B 36 9.42 19.45 9.76
N GLY B 37 10.56 19.23 9.10
CA GLY B 37 11.10 17.89 9.00
C GLY B 37 11.54 17.33 10.35
N GLU B 38 12.26 18.14 11.12
CA GLU B 38 12.66 17.71 12.45
C GLU B 38 11.46 17.40 13.33
N GLN B 39 10.35 18.10 13.12
CA GLN B 39 9.15 17.84 13.92
C GLN B 39 8.54 16.50 13.55
N ILE B 40 8.35 16.24 12.24
CA ILE B 40 7.76 14.98 11.81
C ILE B 40 8.73 13.82 11.83
N GLY B 41 9.98 14.04 12.23
CA GLY B 41 10.93 12.95 12.33
C GLY B 41 11.59 12.55 11.03
N PHE B 42 11.71 13.47 10.08
CA PHE B 42 12.29 13.17 8.77
C PHE B 42 13.22 14.31 8.38
N PRO B 43 14.47 14.27 8.84
CA PRO B 43 15.43 15.32 8.47
C PRO B 43 15.66 15.34 6.97
N PHE B 44 15.38 16.49 6.36
CA PHE B 44 15.52 16.62 4.91
C PHE B 44 16.97 16.79 4.52
N LYS B 45 17.34 16.21 3.38
CA LYS B 45 18.66 16.38 2.82
C LYS B 45 18.66 17.16 1.51
N SER B 46 17.49 17.48 0.96
CA SER B 46 17.38 18.20 -0.30
C SER B 46 16.20 19.15 -0.23
N ALA B 47 16.16 20.09 -1.18
CA ALA B 47 15.08 21.06 -1.26
C ALA B 47 15.11 21.71 -2.64
N GLN B 48 13.95 22.20 -3.06
CA GLN B 48 13.79 22.88 -4.34
C GLN B 48 13.00 24.16 -4.10
N VAL B 49 13.50 25.27 -4.66
CA VAL B 49 12.89 26.58 -4.47
C VAL B 49 12.90 27.33 -5.79
N PHE B 50 12.14 28.43 -5.84
CA PHE B 50 12.21 29.38 -6.93
C PHE B 50 13.04 30.59 -6.48
N ILE B 51 13.97 31.01 -7.32
CA ILE B 51 14.71 32.25 -7.11
C ILE B 51 14.25 33.33 -8.07
N ALA B 52 13.20 33.07 -8.85
CA ALA B 52 12.69 34.00 -9.83
C ALA B 52 11.34 33.50 -10.30
N GLY B 53 10.52 34.43 -10.78
CA GLY B 53 9.21 34.10 -11.30
C GLY B 53 8.24 33.48 -10.31
N PRO B 54 7.63 32.35 -10.69
CA PRO B 54 7.92 31.64 -11.94
C PRO B 54 7.10 32.13 -13.14
N ARG B 55 6.23 33.11 -12.91
CA ARG B 55 5.36 33.60 -13.98
C ARG B 55 5.94 34.79 -14.71
N LYS B 56 6.99 35.41 -14.19
CA LYS B 56 7.60 36.59 -14.80
C LYS B 56 9.12 36.45 -14.73
N ALA B 57 9.81 36.93 -15.77
CA ALA B 57 11.27 36.84 -15.84
C ALA B 57 11.90 37.95 -14.99
N VAL B 58 11.69 37.83 -13.68
CA VAL B 58 12.21 38.79 -12.71
C VAL B 58 12.86 38.02 -11.57
N ILE B 59 13.99 38.54 -11.08
CA ILE B 59 14.71 37.92 -9.98
C ILE B 59 14.02 38.27 -8.67
N ASN B 60 13.64 37.25 -7.90
CA ASN B 60 12.93 37.44 -6.65
C ASN B 60 13.84 37.64 -5.45
N ILE B 61 14.99 36.96 -5.43
CA ILE B 61 15.85 37.01 -4.25
C ILE B 61 16.45 38.40 -4.09
N GLN B 62 16.85 38.72 -2.86
CA GLN B 62 17.45 40.00 -2.53
C GLN B 62 18.86 39.78 -2.00
N GLU B 63 19.67 40.85 -2.06
CA GLU B 63 21.06 40.75 -1.66
C GLU B 63 21.20 40.33 -0.20
N ASP B 64 20.28 40.77 0.66
CA ASP B 64 20.28 40.30 2.04
C ASP B 64 19.97 38.82 2.11
N ASP B 65 18.95 38.37 1.36
CA ASP B 65 18.57 36.97 1.38
C ASP B 65 19.70 36.07 0.86
N LYS B 66 20.47 36.55 -0.12
CA LYS B 66 21.56 35.77 -0.67
C LYS B 66 22.53 35.34 0.43
N VAL B 67 22.99 36.29 1.23
CA VAL B 67 24.04 36.02 2.21
C VAL B 67 23.55 35.02 3.25
N GLU B 68 22.35 35.23 3.79
CA GLU B 68 21.85 34.36 4.85
C GLU B 68 21.43 33.00 4.32
N LEU B 69 21.04 32.91 3.04
CA LEU B 69 20.68 31.62 2.48
C LEU B 69 21.88 30.68 2.41
N LEU B 70 23.05 31.22 2.01
CA LEU B 70 24.24 30.39 1.92
C LEU B 70 24.61 29.82 3.28
N LYS B 71 24.55 30.64 4.33
CA LYS B 71 24.82 30.14 5.67
C LYS B 71 23.80 29.07 6.09
N MET B 72 22.54 29.26 5.70
CA MET B 72 21.50 28.29 6.04
C MET B 72 21.74 26.95 5.35
N ILE B 73 22.18 26.99 4.08
CA ILE B 73 22.40 25.75 3.34
C ILE B 73 23.60 24.99 3.91
N VAL B 74 24.68 25.70 4.22
CA VAL B 74 25.86 25.05 4.76
C VAL B 74 25.60 24.54 6.17
N LYS B 75 24.81 25.30 6.95
CA LYS B 75 24.55 24.90 8.34
C LYS B 75 23.84 23.56 8.41
N HIS B 76 22.87 23.33 7.52
CA HIS B 76 22.09 22.10 7.51
C HIS B 76 22.52 21.13 6.42
N ASN B 77 23.62 21.43 5.71
CA ASN B 77 24.18 20.55 4.69
C ASN B 77 23.11 20.11 3.70
N LEU B 78 22.45 21.10 3.10
CA LEU B 78 21.31 20.85 2.22
C LEU B 78 21.74 20.85 0.76
N TRP B 79 21.14 19.97 -0.02
CA TRP B 79 21.34 19.90 -1.47
C TRP B 79 20.14 20.58 -2.11
N VAL B 80 20.34 21.80 -2.61
CA VAL B 80 19.25 22.65 -3.06
C VAL B 80 19.40 22.93 -4.55
N VAL B 81 18.31 22.79 -5.29
CA VAL B 81 18.23 23.23 -6.67
C VAL B 81 17.16 24.30 -6.77
N ALA B 82 17.24 25.08 -7.84
CA ALA B 82 16.26 26.10 -8.14
C ALA B 82 15.57 25.74 -9.45
N HIS B 83 14.25 25.62 -9.42
CA HIS B 83 13.49 25.44 -10.65
C HIS B 83 13.41 26.78 -11.38
N GLY B 84 13.82 26.79 -12.64
CA GLY B 84 13.75 28.01 -13.41
C GLY B 84 12.32 28.47 -13.63
N THR B 85 12.18 29.74 -13.99
CA THR B 85 10.85 30.24 -14.30
C THR B 85 10.30 29.54 -15.53
N TYR B 86 8.98 29.60 -15.69
CA TYR B 86 8.35 28.96 -16.83
C TYR B 86 8.65 29.67 -18.14
N LEU B 87 9.33 30.82 -18.10
CA LEU B 87 9.73 31.55 -19.29
C LEU B 87 11.11 31.12 -19.81
N ASP B 88 11.75 30.16 -19.15
CA ASP B 88 13.13 29.77 -19.47
C ASP B 88 13.12 28.72 -20.58
N VAL B 89 13.17 29.19 -21.81
CA VAL B 89 13.21 28.32 -22.98
C VAL B 89 14.35 28.77 -23.88
N PRO B 90 15.58 28.26 -23.68
CA PRO B 90 16.71 28.71 -24.51
C PRO B 90 16.53 28.42 -25.98
N TRP B 91 15.64 27.50 -26.34
CA TRP B 91 15.37 27.16 -27.74
C TRP B 91 14.07 27.80 -28.21
N SER B 92 14.03 29.12 -28.14
CA SER B 92 12.84 29.89 -28.47
C SER B 92 13.22 31.01 -29.44
N ARG B 93 12.22 31.85 -29.76
CA ARG B 93 12.45 32.96 -30.68
C ARG B 93 13.17 34.14 -30.03
N ARG B 94 12.98 34.34 -28.73
CA ARG B 94 13.64 35.44 -28.03
C ARG B 94 14.74 34.91 -27.12
N SER B 95 15.64 34.10 -27.68
CA SER B 95 16.67 33.42 -26.89
C SER B 95 17.85 34.33 -26.54
N ALA B 96 17.78 35.62 -26.82
CA ALA B 96 18.85 36.51 -26.40
C ALA B 96 18.62 37.01 -24.98
N PHE B 97 17.37 37.36 -24.66
CA PHE B 97 17.02 37.72 -23.29
C PHE B 97 17.02 36.49 -22.38
N VAL B 98 16.41 35.40 -22.85
CA VAL B 98 16.23 34.21 -22.01
C VAL B 98 17.59 33.65 -21.58
N THR B 99 18.51 33.49 -22.51
CA THR B 99 19.82 32.94 -22.17
C THR B 99 20.54 33.84 -21.16
N HIS B 100 20.55 35.14 -21.39
CA HIS B 100 21.18 36.05 -20.45
C HIS B 100 20.51 36.00 -19.09
N PHE B 101 19.19 35.81 -19.08
CA PHE B 101 18.48 35.68 -17.81
C PHE B 101 18.89 34.42 -17.07
N ILE B 102 19.02 33.30 -17.79
CA ILE B 102 19.48 32.06 -17.17
C ILE B 102 20.90 32.23 -16.66
N GLN B 103 21.74 32.96 -17.40
CA GLN B 103 23.08 33.27 -16.93
C GLN B 103 23.03 34.01 -15.59
N GLN B 104 22.03 34.87 -15.42
CA GLN B 104 21.86 35.57 -14.15
C GLN B 104 21.51 34.58 -13.05
N GLU B 105 20.50 33.74 -13.29
CA GLU B 105 20.12 32.73 -12.30
C GLU B 105 21.29 31.81 -11.96
N LEU B 106 22.05 31.39 -12.97
CA LEU B 106 23.18 30.48 -12.73
C LEU B 106 24.19 31.10 -11.77
N LEU B 107 24.52 32.38 -11.98
CA LEU B 107 25.50 33.02 -11.11
C LEU B 107 24.99 33.14 -9.69
N ILE B 108 23.68 33.33 -9.50
CA ILE B 108 23.12 33.43 -8.16
C ILE B 108 23.19 32.08 -7.46
N CYS B 109 22.93 30.99 -8.20
CA CYS B 109 22.99 29.66 -7.61
C CYS B 109 24.37 29.37 -7.03
N LYS B 110 25.42 29.69 -7.79
CA LYS B 110 26.78 29.57 -7.25
C LYS B 110 26.98 30.51 -6.07
N GLU B 111 26.40 31.71 -6.15
CA GLU B 111 26.56 32.71 -5.10
C GLU B 111 26.03 32.24 -3.76
N VAL B 112 24.97 31.44 -3.76
CA VAL B 112 24.26 31.07 -2.54
C VAL B 112 24.37 29.58 -2.22
N GLY B 113 25.12 28.83 -2.99
CA GLY B 113 25.32 27.42 -2.70
C GLY B 113 24.25 26.48 -3.24
N ILE B 114 23.47 26.93 -4.22
CA ILE B 114 22.50 26.05 -4.86
C ILE B 114 23.22 25.21 -5.92
N LYS B 115 22.88 23.94 -6.00
CA LYS B 115 23.66 22.98 -6.76
C LYS B 115 23.21 22.84 -8.21
N GLY B 116 22.19 23.56 -8.65
CA GLY B 116 21.77 23.43 -10.03
C GLY B 116 20.50 24.20 -10.32
N LEU B 117 20.15 24.21 -11.60
CA LEU B 117 18.95 24.85 -12.11
C LEU B 117 18.20 23.86 -12.99
N VAL B 118 16.91 23.68 -12.73
CA VAL B 118 16.08 22.73 -13.45
C VAL B 118 15.38 23.45 -14.59
N LEU B 119 15.57 22.97 -15.81
CA LEU B 119 14.92 23.53 -16.99
C LEU B 119 14.01 22.48 -17.61
N HIS B 120 12.87 22.92 -18.13
CA HIS B 120 11.96 22.02 -18.82
C HIS B 120 12.43 21.80 -20.24
N LEU B 121 12.35 20.57 -20.71
CA LEU B 121 12.67 20.25 -22.09
C LEU B 121 11.43 20.46 -22.95
N GLY B 122 11.64 21.04 -24.13
CA GLY B 122 10.55 21.19 -25.07
C GLY B 122 10.35 19.95 -25.91
N ALA B 123 9.20 19.91 -26.58
CA ALA B 123 8.91 18.84 -27.54
C ALA B 123 9.53 19.17 -28.89
N VAL B 124 10.84 19.37 -28.88
CA VAL B 124 11.59 19.80 -30.05
C VAL B 124 12.71 18.80 -30.31
N GLU B 125 13.17 18.78 -31.56
CA GLU B 125 14.29 17.94 -31.93
C GLU B 125 15.51 18.28 -31.07
N PRO B 126 16.33 17.30 -30.71
CA PRO B 126 17.44 17.60 -29.79
C PRO B 126 18.46 18.58 -30.35
N GLU B 127 18.53 18.74 -31.69
CA GLU B 127 19.48 19.68 -32.26
C GLU B 127 19.17 21.11 -31.85
N LEU B 128 17.89 21.45 -31.72
CA LEU B 128 17.53 22.77 -31.25
C LEU B 128 17.85 22.95 -29.77
N ILE B 129 17.73 21.87 -28.99
CA ILE B 129 17.99 21.95 -27.56
C ILE B 129 19.46 22.25 -27.30
N VAL B 130 20.36 21.51 -27.94
CA VAL B 130 21.78 21.76 -27.75
C VAL B 130 22.17 23.11 -28.33
N GLU B 131 21.49 23.55 -29.39
CA GLU B 131 21.74 24.87 -29.94
C GLU B 131 21.51 25.95 -28.89
N GLY B 132 20.38 25.88 -28.18
CA GLY B 132 20.13 26.81 -27.10
C GLY B 132 21.08 26.63 -25.93
N LEU B 133 21.42 25.38 -25.60
CA LEU B 133 22.33 25.13 -24.49
C LEU B 133 23.75 25.59 -24.81
N LYS B 134 24.16 25.53 -26.08
CA LYS B 134 25.49 26.02 -26.44
C LYS B 134 25.61 27.51 -26.22
N LYS B 135 24.49 28.23 -26.21
CA LYS B 135 24.46 29.67 -26.01
C LYS B 135 24.63 30.07 -24.55
N ILE B 136 24.71 29.10 -23.64
CA ILE B 136 24.79 29.35 -22.19
C ILE B 136 26.21 29.11 -21.72
N LYS B 137 26.85 30.17 -21.23
CA LYS B 137 28.16 30.04 -20.60
C LYS B 137 27.99 29.48 -19.19
N PRO B 138 28.60 28.35 -18.86
CA PRO B 138 28.34 27.71 -17.56
C PRO B 138 29.09 28.39 -16.44
N VAL B 139 28.65 28.11 -15.21
CA VAL B 139 29.36 28.52 -14.01
C VAL B 139 29.80 27.28 -13.26
N GLU B 140 30.93 27.40 -12.57
CA GLU B 140 31.54 26.25 -11.90
C GLU B 140 30.74 25.85 -10.67
N GLY B 141 30.32 24.59 -10.60
CA GLY B 141 29.63 24.07 -9.46
C GLY B 141 28.11 24.00 -9.59
N VAL B 142 27.55 24.55 -10.67
CA VAL B 142 26.11 24.58 -10.90
C VAL B 142 25.83 23.89 -12.22
N VAL B 143 24.99 22.86 -12.18
CA VAL B 143 24.68 22.04 -13.34
C VAL B 143 23.21 22.22 -13.71
N ILE B 144 22.96 22.40 -15.01
CA ILE B 144 21.60 22.57 -15.52
C ILE B 144 20.95 21.21 -15.64
N TYR B 145 19.86 20.99 -14.90
CA TYR B 145 19.11 19.75 -14.98
C TYR B 145 17.95 19.92 -15.96
N LEU B 146 17.84 18.97 -16.89
CA LEU B 146 16.81 18.99 -17.92
C LEU B 146 15.66 18.09 -17.47
N GLU B 147 14.49 18.68 -17.26
CA GLU B 147 13.35 17.95 -16.73
C GLU B 147 12.54 17.32 -17.85
N THR B 148 12.04 16.12 -17.59
CA THR B 148 11.23 15.41 -18.57
C THR B 148 9.92 16.15 -18.80
N PRO B 149 9.55 16.42 -20.06
CA PRO B 149 8.29 17.12 -20.33
C PRO B 149 7.07 16.20 -20.32
N HIS B 150 5.95 16.72 -20.80
CA HIS B 150 4.68 16.01 -20.75
C HIS B 150 3.80 16.50 -21.89
N ASN B 151 3.61 15.67 -22.91
CA ASN B 151 2.71 16.02 -24.00
C ASN B 151 2.16 14.75 -24.62
N LYS B 152 1.03 14.89 -25.31
CA LYS B 152 0.37 13.73 -25.87
C LYS B 152 0.70 13.53 -27.34
N HIS B 153 0.51 14.59 -28.10
CA HIS B 153 0.66 14.59 -29.52
C HIS B 153 1.99 14.89 -30.15
N HIS B 154 3.01 15.06 -29.36
CA HIS B 154 4.32 15.35 -29.90
C HIS B 154 5.20 14.18 -29.94
N THR B 155 5.95 14.08 -30.99
CA THR B 155 6.83 12.99 -31.19
C THR B 155 7.88 12.91 -30.16
N TYR B 156 8.44 14.06 -29.82
CA TYR B 156 9.51 14.06 -28.84
C TYR B 156 8.98 14.23 -27.45
N LYS B 157 8.89 13.12 -26.71
CA LYS B 157 8.42 13.12 -25.33
C LYS B 157 9.53 12.99 -24.27
N TYR B 158 10.76 12.70 -24.72
CA TYR B 158 11.90 12.55 -23.81
C TYR B 158 11.49 11.82 -22.54
N SER B 159 10.60 10.84 -22.70
CA SER B 159 10.20 9.95 -21.63
C SER B 159 10.56 8.50 -21.90
N THR B 160 10.92 8.15 -23.13
CA THR B 160 11.48 6.85 -23.47
C THR B 160 12.99 6.93 -23.49
N MET B 161 13.64 5.79 -23.21
CA MET B 161 15.09 5.80 -23.09
C MET B 161 15.79 6.06 -24.42
N GLU B 162 15.19 5.67 -25.54
CA GLU B 162 15.81 5.94 -26.83
C GLU B 162 15.92 7.44 -27.09
N GLN B 163 14.94 8.22 -26.63
CA GLN B 163 14.99 9.66 -26.84
C GLN B 163 15.92 10.33 -25.83
N ILE B 164 15.94 9.84 -24.59
CA ILE B 164 16.83 10.40 -23.58
C ILE B 164 18.29 10.17 -23.97
N LYS B 165 18.60 8.97 -24.46
CA LYS B 165 19.97 8.66 -24.86
C LYS B 165 20.42 9.55 -26.02
N GLU B 166 19.57 9.65 -27.05
CA GLU B 166 19.92 10.46 -28.22
C GLU B 166 20.14 11.92 -27.84
N LEU B 167 19.35 12.42 -26.89
CA LEU B 167 19.54 13.80 -26.43
C LEU B 167 20.92 13.97 -25.80
N PHE B 168 21.21 13.19 -24.75
CA PHE B 168 22.46 13.35 -24.03
C PHE B 168 23.66 12.86 -24.82
N LEU B 169 23.45 11.96 -25.78
CA LEU B 169 24.53 11.61 -26.70
C LEU B 169 24.94 12.82 -27.54
N ARG B 170 23.95 13.54 -28.06
CA ARG B 170 24.24 14.77 -28.78
C ARG B 170 24.89 15.80 -27.87
N ILE B 171 24.51 15.81 -26.58
CA ILE B 171 25.12 16.74 -25.63
C ILE B 171 26.58 16.40 -25.41
N ARG B 172 26.88 15.10 -25.23
CA ARG B 172 28.26 14.70 -24.95
C ARG B 172 29.16 14.88 -26.16
N ASN B 173 28.65 14.59 -27.36
CA ASN B 173 29.46 14.76 -28.57
C ASN B 173 29.81 16.21 -28.83
N THR B 174 29.01 17.15 -28.33
CA THR B 174 29.27 18.57 -28.49
C THR B 174 30.11 19.12 -27.35
N ARG B 175 30.55 18.26 -26.42
CA ARG B 175 31.35 18.63 -25.27
C ARG B 175 30.72 19.78 -24.47
N LEU B 176 29.48 19.56 -24.06
CA LEU B 176 28.80 20.48 -23.15
C LEU B 176 29.00 19.99 -21.72
N LYS B 177 29.54 20.86 -20.87
CA LYS B 177 29.85 20.50 -19.50
C LYS B 177 28.70 20.91 -18.59
N GLN B 178 28.54 20.16 -17.50
CA GLN B 178 27.59 20.48 -16.44
C GLN B 178 26.15 20.51 -16.98
N ILE B 179 25.75 19.40 -17.60
CA ILE B 179 24.37 19.18 -18.03
C ILE B 179 23.87 17.92 -17.35
N GLY B 180 22.70 18.03 -16.70
CA GLY B 180 22.15 16.90 -15.99
C GLY B 180 20.75 16.53 -16.44
N LEU B 181 20.13 15.58 -15.75
CA LEU B 181 18.81 15.09 -16.11
C LEU B 181 17.92 15.06 -14.87
N CYS B 182 16.72 15.61 -14.99
CA CYS B 182 15.72 15.57 -13.94
C CYS B 182 14.55 14.72 -14.42
N ILE B 183 14.22 13.68 -13.67
CA ILE B 183 13.18 12.73 -14.04
C ILE B 183 11.97 13.00 -13.14
N ASP B 184 10.87 13.45 -13.75
CA ASP B 184 9.59 13.65 -13.06
C ASP B 184 8.70 12.45 -13.33
N THR B 185 8.41 11.68 -12.28
CA THR B 185 7.59 10.47 -12.46
C THR B 185 6.21 10.81 -13.03
N ALA B 186 5.62 11.92 -12.58
CA ALA B 186 4.31 12.31 -13.10
C ALA B 186 4.40 12.73 -14.56
N HIS B 187 5.52 13.33 -14.97
CA HIS B 187 5.65 13.82 -16.33
C HIS B 187 5.78 12.66 -17.31
N ILE B 188 6.65 11.70 -17.00
CA ILE B 188 6.82 10.56 -17.91
C ILE B 188 5.58 9.67 -17.88
N TRP B 189 4.82 9.68 -16.79
CA TRP B 189 3.61 8.88 -16.74
C TRP B 189 2.50 9.52 -17.57
N SER B 190 2.31 10.83 -17.44
CA SER B 190 1.37 11.54 -18.31
C SER B 190 1.88 11.64 -19.73
N SER B 191 3.06 11.10 -20.03
CA SER B 191 3.63 11.13 -21.36
C SER B 191 3.57 9.78 -22.06
N GLY B 192 2.97 8.77 -21.43
CA GLY B 192 2.75 7.48 -22.06
C GLY B 192 3.47 6.32 -21.40
N VAL B 193 4.37 6.56 -20.46
CA VAL B 193 5.19 5.50 -19.87
C VAL B 193 4.50 5.03 -18.60
N ASN B 194 3.96 3.80 -18.63
CA ASN B 194 3.32 3.23 -17.46
C ASN B 194 4.39 2.73 -16.49
N ILE B 195 4.40 3.32 -15.29
CA ILE B 195 5.37 2.94 -14.26
C ILE B 195 4.63 2.60 -12.97
N SER B 196 3.47 1.94 -13.10
CA SER B 196 2.66 1.65 -11.94
C SER B 196 3.21 0.48 -11.14
N SER B 197 3.45 -0.65 -11.79
CA SER B 197 3.94 -1.83 -11.09
C SER B 197 5.44 -1.76 -10.90
N TYR B 198 5.93 -2.60 -9.97
CA TYR B 198 7.35 -2.62 -9.67
C TYR B 198 8.18 -3.02 -10.88
N ASN B 199 7.68 -3.99 -11.67
CA ASN B 199 8.47 -4.49 -12.79
C ASN B 199 8.51 -3.52 -13.95
N ASP B 200 7.42 -2.78 -14.20
CA ASP B 200 7.43 -1.81 -15.29
C ASP B 200 8.37 -0.64 -14.98
N ALA B 201 8.35 -0.13 -13.77
CA ALA B 201 9.35 0.84 -13.36
C ALA B 201 10.75 0.22 -13.38
N GLY B 202 10.85 -1.07 -13.04
CA GLY B 202 12.14 -1.74 -13.06
C GLY B 202 12.81 -1.70 -14.42
N GLN B 203 12.09 -2.14 -15.46
CA GLN B 203 12.69 -2.17 -16.79
C GLN B 203 13.04 -0.78 -17.29
N TRP B 204 12.23 0.23 -16.93
CA TRP B 204 12.55 1.60 -17.33
C TRP B 204 13.83 2.08 -16.65
N LEU B 205 13.92 1.87 -15.34
CA LEU B 205 15.13 2.28 -14.62
C LEU B 205 16.33 1.44 -15.05
N ARG B 206 16.11 0.15 -15.31
CA ARG B 206 17.18 -0.68 -15.84
C ARG B 206 17.71 -0.14 -17.16
N SER B 207 16.82 0.30 -18.05
CA SER B 207 17.26 0.88 -19.31
C SER B 207 18.00 2.19 -19.09
N LEU B 208 17.64 2.92 -18.03
CA LEU B 208 18.37 4.14 -17.70
C LEU B 208 19.80 3.82 -17.25
N GLU B 209 19.96 2.76 -16.46
CA GLU B 209 21.29 2.36 -16.02
C GLU B 209 22.15 1.88 -17.20
N ASN B 210 21.52 1.31 -18.23
CA ASN B 210 22.25 0.80 -19.38
C ASN B 210 22.91 1.91 -20.20
N ILE B 211 22.52 3.17 -20.00
CA ILE B 211 23.13 4.27 -20.73
C ILE B 211 23.86 5.18 -19.76
N HIS B 212 24.38 4.60 -18.68
CA HIS B 212 25.09 5.39 -17.68
C HIS B 212 26.36 6.02 -18.23
N SER B 213 26.91 5.48 -19.31
CA SER B 213 28.07 6.12 -19.94
C SER B 213 27.67 7.42 -20.61
N VAL B 214 26.41 7.56 -21.01
CA VAL B 214 25.92 8.79 -21.62
C VAL B 214 25.40 9.77 -20.58
N ILE B 215 24.62 9.28 -19.62
CA ILE B 215 24.11 10.11 -18.54
C ILE B 215 24.35 9.38 -17.23
N PRO B 216 25.44 9.71 -16.52
CA PRO B 216 25.75 8.99 -15.29
C PRO B 216 24.80 9.38 -14.17
N PRO B 217 24.54 8.47 -13.24
CA PRO B 217 23.64 8.80 -12.12
C PRO B 217 24.14 9.92 -11.23
N SER B 218 25.40 10.32 -11.34
CA SER B 218 25.89 11.46 -10.58
C SER B 218 25.25 12.77 -11.05
N HIS B 219 24.72 12.81 -12.26
CA HIS B 219 24.08 13.98 -12.82
C HIS B 219 22.57 13.78 -13.00
N ILE B 220 21.95 13.03 -12.10
CA ILE B 220 20.53 12.70 -12.21
C ILE B 220 19.84 13.05 -10.90
N MET B 221 18.69 13.71 -11.01
CA MET B 221 17.82 14.00 -9.88
C MET B 221 16.40 13.57 -10.22
N PHE B 222 15.53 13.54 -9.21
CA PHE B 222 14.19 13.02 -9.36
C PHE B 222 13.16 13.97 -8.76
N HIS B 223 12.00 14.05 -9.42
CA HIS B 223 10.81 14.68 -8.87
C HIS B 223 9.81 13.57 -8.58
N LEU B 224 9.66 13.22 -7.30
CA LEU B 224 8.78 12.12 -6.89
C LEU B 224 7.37 12.66 -6.75
N ASN B 225 6.60 12.55 -7.83
CA ASN B 225 5.22 13.02 -7.86
C ASN B 225 4.31 11.91 -8.35
N ASP B 226 3.20 11.71 -7.67
CA ASP B 226 2.10 10.96 -8.24
C ASP B 226 1.35 11.85 -9.22
N ALA B 227 0.39 11.26 -9.94
CA ALA B 227 -0.32 12.00 -10.98
C ALA B 227 -1.82 11.79 -10.86
N ALA B 228 -2.57 12.88 -11.00
CA ALA B 228 -4.04 12.83 -10.99
C ALA B 228 -4.64 12.82 -12.38
N THR B 229 -3.95 12.21 -13.36
CA THR B 229 -4.47 12.09 -14.71
C THR B 229 -4.24 10.66 -15.18
N GLU B 230 -4.55 10.41 -16.45
CA GLU B 230 -4.39 9.08 -17.02
C GLU B 230 -3.04 8.96 -17.72
N CYS B 231 -2.58 7.72 -17.84
CA CYS B 231 -1.34 7.45 -18.56
C CYS B 231 -1.49 7.85 -20.02
N GLY B 232 -0.64 8.78 -20.47
CA GLY B 232 -0.69 9.26 -21.83
C GLY B 232 -1.58 10.46 -22.06
N SER B 233 -2.22 10.99 -21.01
CA SER B 233 -3.12 12.12 -21.17
C SER B 233 -2.39 13.36 -21.65
N GLY B 234 -1.19 13.60 -21.13
CA GLY B 234 -0.46 14.80 -21.45
C GLY B 234 -0.67 15.96 -20.52
N ILE B 235 -1.28 15.73 -19.35
CA ILE B 235 -1.65 16.78 -18.41
C ILE B 235 -0.79 16.63 -17.17
N ASP B 236 -0.20 17.73 -16.72
CA ASP B 236 0.63 17.74 -15.51
C ASP B 236 -0.27 18.07 -14.32
N ARG B 237 -0.62 17.05 -13.54
CA ARG B 237 -1.45 17.22 -12.34
C ARG B 237 -0.85 16.35 -11.24
N HIS B 238 0.02 16.94 -10.43
CA HIS B 238 0.69 16.20 -9.38
C HIS B 238 -0.28 15.80 -8.27
N ALA B 239 0.08 14.73 -7.57
CA ALA B 239 -0.69 14.23 -6.45
C ALA B 239 0.26 13.61 -5.44
N SER B 240 -0.22 13.43 -4.23
CA SER B 240 0.59 12.80 -3.20
C SER B 240 0.84 11.34 -3.51
N LEU B 241 1.97 10.83 -3.02
CA LEU B 241 2.37 9.45 -3.30
C LEU B 241 1.31 8.47 -2.82
N PHE B 242 0.93 7.55 -3.69
CA PHE B 242 -0.07 6.51 -3.48
C PHE B 242 -1.48 7.09 -3.39
N GLU B 243 -1.68 8.35 -3.75
CA GLU B 243 -3.00 8.96 -3.81
C GLU B 243 -3.42 9.34 -5.23
N GLY B 244 -2.53 9.18 -6.21
CA GLY B 244 -2.87 9.48 -7.59
C GLY B 244 -3.07 8.22 -8.43
N MET B 245 -3.33 8.45 -9.71
CA MET B 245 -3.72 7.35 -10.60
C MET B 245 -2.58 6.41 -10.93
N ILE B 246 -1.36 6.68 -10.47
CA ILE B 246 -0.24 5.77 -10.72
C ILE B 246 -0.16 4.68 -9.67
N TRP B 247 -0.14 5.06 -8.39
CA TRP B 247 0.15 4.11 -7.32
C TRP B 247 -0.96 4.05 -6.27
N LYS B 248 -2.17 4.51 -6.61
CA LYS B 248 -3.29 4.34 -5.68
C LYS B 248 -3.59 2.87 -5.45
N SER B 249 -3.47 2.05 -6.49
CA SER B 249 -3.73 0.62 -6.37
C SER B 249 -2.76 -0.06 -5.40
N TYR B 250 -1.64 0.57 -5.10
CA TYR B 250 -0.63 0.00 -4.21
C TYR B 250 -0.60 0.74 -2.87
N SER B 251 -1.79 1.11 -2.37
CA SER B 251 -1.84 1.87 -1.12
C SER B 251 -1.48 1.02 0.07
N HIS B 252 -1.74 -0.29 0.01
CA HIS B 252 -1.44 -1.20 1.12
C HIS B 252 -0.50 -2.31 0.69
N LYS B 253 0.20 -2.13 -0.43
CA LYS B 253 1.26 -3.02 -0.86
C LYS B 253 2.35 -2.13 -1.48
N ILE B 254 2.87 -1.21 -0.66
CA ILE B 254 3.71 -0.14 -1.19
C ILE B 254 5.05 -0.66 -1.69
N LYS B 255 5.55 -1.75 -1.12
CA LYS B 255 6.82 -2.30 -1.57
C LYS B 255 6.70 -3.14 -2.83
N GLN B 256 5.49 -3.25 -3.39
CA GLN B 256 5.29 -3.85 -4.70
C GLN B 256 5.01 -2.81 -5.77
N SER B 257 5.13 -1.53 -5.43
CA SER B 257 4.80 -0.44 -6.34
C SER B 257 6.03 0.01 -7.13
N GLY B 258 5.77 0.63 -8.27
CA GLY B 258 6.84 1.24 -9.04
C GLY B 258 7.56 2.34 -8.30
N LEU B 259 6.91 2.97 -7.32
CA LEU B 259 7.58 4.01 -6.55
C LEU B 259 8.75 3.45 -5.76
N TYR B 260 8.55 2.34 -5.06
CA TYR B 260 9.64 1.74 -4.28
C TYR B 260 10.82 1.39 -5.18
N CYS B 261 10.53 0.98 -6.42
CA CYS B 261 11.62 0.76 -7.37
C CYS B 261 12.36 2.05 -7.67
N PHE B 262 11.64 3.18 -7.71
CA PHE B 262 12.31 4.46 -7.85
C PHE B 262 13.09 4.81 -6.59
N VAL B 263 12.53 4.51 -5.42
CA VAL B 263 13.24 4.78 -4.18
C VAL B 263 14.50 3.94 -4.09
N GLU B 264 14.42 2.68 -4.53
CA GLU B 264 15.61 1.83 -4.54
C GLU B 264 16.70 2.41 -5.45
N TYR B 265 16.31 2.91 -6.62
CA TYR B 265 17.28 3.57 -7.49
C TYR B 265 17.89 4.78 -6.80
N ILE B 266 17.07 5.57 -6.12
CA ILE B 266 17.56 6.78 -5.47
C ILE B 266 18.54 6.43 -4.37
N THR B 267 18.25 5.40 -3.58
CA THR B 267 19.18 4.99 -2.54
C THR B 267 20.45 4.39 -3.12
N ARG B 268 20.33 3.64 -4.22
CA ARG B 268 21.50 2.99 -4.81
C ARG B 268 22.53 4.01 -5.27
N HIS B 269 22.06 5.04 -5.99
CA HIS B 269 22.95 6.01 -6.61
C HIS B 269 23.01 7.33 -5.87
N GLN B 270 22.45 7.39 -4.66
CA GLN B 270 22.53 8.58 -3.80
C GLN B 270 22.02 9.82 -4.53
N CYS B 271 20.84 9.69 -5.11
CA CYS B 271 20.26 10.76 -5.92
C CYS B 271 19.38 11.66 -5.06
N PRO B 272 19.21 12.91 -5.48
CA PRO B 272 18.24 13.79 -4.81
C PRO B 272 16.83 13.55 -5.32
N ALA B 273 15.86 13.66 -4.42
CA ALA B 273 14.46 13.44 -4.75
C ALA B 273 13.62 14.56 -4.14
N ILE B 274 12.90 15.28 -4.97
CA ILE B 274 12.09 16.43 -4.55
C ILE B 274 10.62 16.10 -4.79
N LEU B 275 9.79 16.39 -3.79
CA LEU B 275 8.34 16.20 -3.88
C LEU B 275 7.72 17.55 -4.17
N GLU B 276 7.24 17.74 -5.41
CA GLU B 276 6.66 19.01 -5.81
C GLU B 276 5.15 18.97 -5.60
N ARG B 277 4.67 19.51 -4.50
CA ARG B 277 3.26 19.53 -4.30
C ARG B 277 2.86 20.91 -3.96
N ASN B 278 1.87 21.45 -4.62
CA ASN B 278 1.36 22.76 -4.24
C ASN B 278 -0.11 22.65 -4.07
N LEU B 279 -0.52 23.03 -2.89
CA LEU B 279 -1.87 22.96 -2.44
C LEU B 279 -2.17 24.32 -1.92
N GLY B 280 -3.41 24.57 -1.58
CA GLY B 280 -3.84 25.87 -1.11
C GLY B 280 -3.34 26.52 0.16
N SER B 281 -3.15 25.75 1.22
CA SER B 281 -2.79 26.32 2.48
C SER B 281 -1.65 25.64 3.12
N SER B 282 -1.08 26.24 4.14
CA SER B 282 0.03 25.56 4.79
C SER B 282 -0.44 24.32 5.55
N MET B 283 -1.66 24.35 6.09
CA MET B 283 -2.19 23.18 6.76
C MET B 283 -2.46 22.04 5.76
N GLN B 284 -2.96 22.38 4.57
CA GLN B 284 -3.18 21.36 3.57
C GLN B 284 -1.87 20.73 3.11
N LEU B 285 -0.85 21.56 2.88
CA LEU B 285 0.42 21.04 2.39
C LEU B 285 1.12 20.21 3.46
N GLN B 286 1.25 20.74 4.67
CA GLN B 286 1.93 20.03 5.73
C GLN B 286 1.16 18.78 6.17
N THR B 287 -0.14 18.72 5.89
CA THR B 287 -0.88 17.49 6.11
C THR B 287 -0.47 16.41 5.11
N ALA B 288 -0.44 16.77 3.83
CA ALA B 288 -0.04 15.80 2.80
C ALA B 288 1.43 15.43 2.95
N LEU B 289 2.28 16.40 3.30
CA LEU B 289 3.70 16.11 3.43
C LEU B 289 3.97 15.16 4.59
N THR B 290 3.23 15.30 5.68
CA THR B 290 3.39 14.37 6.79
C THR B 290 3.00 12.96 6.37
N ALA B 291 1.95 12.82 5.57
CA ALA B 291 1.54 11.50 5.09
C ALA B 291 2.60 10.90 4.17
N GLU B 292 3.09 11.69 3.22
CA GLU B 292 4.05 11.17 2.25
C GLU B 292 5.37 10.80 2.90
N PHE B 293 5.91 11.68 3.74
CA PHE B 293 7.24 11.45 4.30
C PHE B 293 7.23 10.35 5.36
N THR B 294 6.11 10.17 6.08
CA THR B 294 6.02 9.03 6.97
C THR B 294 5.93 7.73 6.18
N THR B 295 5.34 7.76 4.98
CA THR B 295 5.36 6.59 4.11
C THR B 295 6.77 6.31 3.61
N LEU B 296 7.54 7.38 3.30
CA LEU B 296 8.94 7.19 2.94
C LEU B 296 9.74 6.68 4.12
N LYS B 297 9.48 7.22 5.32
CA LYS B 297 10.15 6.74 6.52
C LYS B 297 9.98 5.25 6.69
N SER B 298 8.75 4.74 6.47
CA SER B 298 8.52 3.31 6.57
C SER B 298 9.23 2.55 5.44
N LEU B 299 9.31 3.15 4.25
CA LEU B 299 10.01 2.51 3.15
C LEU B 299 11.50 2.38 3.40
N LEU B 300 12.08 3.34 4.11
CA LEU B 300 13.51 3.33 4.40
C LEU B 300 13.83 2.70 5.75
N LYS B 301 12.84 2.13 6.43
CA LYS B 301 13.07 1.48 7.73
C LYS B 301 13.57 0.05 7.55
N GLY C 3 27.04 -46.43 -45.10
CA GLY C 3 25.90 -45.57 -45.36
C GLY C 3 25.88 -44.32 -44.50
N GLY C 4 25.11 -43.33 -44.92
CA GLY C 4 24.97 -42.10 -44.15
C GLY C 4 23.66 -42.02 -43.41
N GLY C 5 22.92 -40.91 -43.60
CA GLY C 5 21.63 -40.77 -42.97
C GLY C 5 20.53 -41.47 -43.72
N MET C 6 19.46 -41.78 -43.00
CA MET C 6 18.31 -42.53 -43.54
C MET C 6 17.12 -41.59 -43.56
N PHE C 7 16.91 -40.94 -44.71
CA PHE C 7 15.88 -39.92 -44.85
C PHE C 7 14.60 -40.51 -45.42
N GLY C 8 13.48 -39.93 -45.01
CA GLY C 8 12.18 -40.37 -45.48
C GLY C 8 11.09 -39.42 -45.04
N ALA C 9 9.85 -39.84 -45.27
CA ALA C 9 8.69 -39.02 -44.95
C ALA C 9 7.59 -39.89 -44.38
N PHE C 10 6.54 -39.24 -43.88
CA PHE C 10 5.39 -39.94 -43.34
C PHE C 10 4.44 -40.36 -44.47
N VAL C 11 4.09 -41.63 -44.49
CA VAL C 11 3.29 -42.21 -45.55
C VAL C 11 1.88 -42.44 -45.03
N SER C 12 0.94 -41.61 -45.44
CA SER C 12 -0.46 -41.83 -45.10
C SER C 12 -1.00 -42.98 -45.93
N HIS C 13 -1.60 -43.97 -45.25
CA HIS C 13 -2.10 -45.12 -46.01
C HIS C 13 -3.36 -44.81 -46.80
N ARG C 14 -3.72 -43.54 -46.95
CA ARG C 14 -4.76 -43.11 -47.87
C ARG C 14 -4.20 -42.32 -49.03
N LEU C 15 -3.49 -41.23 -48.74
CA LEU C 15 -2.96 -40.35 -49.78
C LEU C 15 -1.88 -41.02 -50.64
N TRP C 16 -1.48 -42.24 -50.31
CA TRP C 16 -0.48 -42.96 -51.09
C TRP C 16 -0.98 -44.28 -51.62
N SER C 17 -1.99 -44.86 -51.01
CA SER C 17 -2.62 -46.09 -51.49
C SER C 17 -3.53 -45.79 -52.67
N ASP C 18 -3.66 -46.78 -53.55
CA ASP C 18 -4.45 -46.61 -54.76
C ASP C 18 -5.87 -46.20 -54.40
N SER C 19 -6.36 -45.14 -55.08
CA SER C 19 -7.70 -44.62 -54.91
C SER C 19 -8.72 -45.72 -54.64
N GLY C 20 -9.31 -45.70 -53.45
CA GLY C 20 -10.27 -46.73 -53.11
C GLY C 20 -9.64 -48.08 -52.87
N CYS C 21 -8.45 -48.12 -52.27
CA CYS C 21 -7.81 -49.39 -51.99
C CYS C 21 -8.64 -50.19 -50.99
N THR C 22 -8.50 -51.50 -51.10
CA THR C 22 -9.16 -52.42 -50.23
C THR C 22 -8.25 -53.53 -49.71
N THR C 23 -7.60 -54.29 -50.58
CA THR C 23 -6.79 -55.42 -50.10
C THR C 23 -5.52 -55.33 -49.25
N THR C 24 -4.51 -54.58 -49.65
CA THR C 24 -3.31 -54.48 -48.83
C THR C 24 -2.97 -53.11 -49.16
N CYS C 25 -3.39 -52.24 -48.30
CA CYS C 25 -3.29 -50.80 -48.52
C CYS C 25 -1.98 -50.24 -47.98
N ILE C 26 -1.60 -50.61 -46.76
CA ILE C 26 -0.35 -50.11 -46.19
C ILE C 26 0.84 -50.58 -47.03
N THR C 27 0.81 -51.84 -47.47
CA THR C 27 1.87 -52.32 -48.35
C THR C 27 1.85 -51.58 -49.68
N ASN C 28 0.65 -51.32 -50.21
CA ASN C 28 0.55 -50.61 -51.49
C ASN C 28 1.01 -49.17 -51.36
N SER C 29 0.64 -48.50 -50.26
CA SER C 29 1.08 -47.12 -50.04
C SER C 29 2.60 -47.03 -49.98
N ILE C 30 3.26 -48.02 -49.38
CA ILE C 30 4.72 -48.04 -49.35
C ILE C 30 5.29 -48.18 -50.75
N ALA C 31 4.72 -49.09 -51.55
CA ALA C 31 5.24 -49.34 -52.89
C ALA C 31 5.26 -48.06 -53.72
N ASN C 32 4.14 -47.33 -53.74
CA ASN C 32 4.10 -46.07 -54.47
C ASN C 32 5.04 -45.05 -53.86
N TYR C 33 5.15 -45.05 -52.52
CA TYR C 33 6.09 -44.16 -51.86
C TYR C 33 7.52 -44.46 -52.28
N VAL C 34 7.89 -45.74 -52.31
CA VAL C 34 9.20 -46.13 -52.81
C VAL C 34 9.37 -45.71 -54.26
N ALA C 35 8.35 -45.96 -55.09
CA ALA C 35 8.40 -45.56 -56.49
C ALA C 35 8.55 -44.05 -56.63
N PHE C 36 7.82 -43.28 -55.81
CA PHE C 36 7.92 -41.83 -55.87
C PHE C 36 9.35 -41.37 -55.63
N GLY C 37 10.05 -42.01 -54.70
CA GLY C 37 11.45 -41.64 -54.47
C GLY C 37 12.33 -41.97 -55.66
N GLU C 38 12.17 -43.16 -56.22
CA GLU C 38 12.94 -43.54 -57.41
C GLU C 38 12.64 -42.59 -58.58
N GLN C 39 11.42 -42.07 -58.65
CA GLN C 39 11.07 -41.16 -59.73
C GLN C 39 11.75 -39.81 -59.56
N ILE C 40 11.67 -39.22 -58.35
CA ILE C 40 12.27 -37.91 -58.12
C ILE C 40 13.78 -37.97 -57.92
N GLY C 41 14.38 -39.15 -57.99
CA GLY C 41 15.81 -39.26 -57.87
C GLY C 41 16.32 -39.25 -56.45
N PHE C 42 15.50 -39.67 -55.49
CA PHE C 42 15.86 -39.67 -54.07
C PHE C 42 15.38 -40.96 -53.44
N PRO C 43 16.16 -42.04 -53.55
CA PRO C 43 15.78 -43.31 -52.93
C PRO C 43 15.70 -43.17 -51.42
N PHE C 44 14.51 -43.45 -50.88
CA PHE C 44 14.28 -43.29 -49.44
C PHE C 44 14.89 -44.45 -48.67
N LYS C 45 15.40 -44.15 -47.48
CA LYS C 45 15.92 -45.17 -46.58
C LYS C 45 15.07 -45.33 -45.33
N SER C 46 14.08 -44.47 -45.10
CA SER C 46 13.25 -44.52 -43.91
C SER C 46 11.82 -44.14 -44.27
N ALA C 47 10.91 -44.44 -43.36
CA ALA C 47 9.50 -44.14 -43.55
C ALA C 47 8.78 -44.22 -42.21
N GLN C 48 7.68 -43.49 -42.10
CA GLN C 48 6.85 -43.49 -40.90
C GLN C 48 5.39 -43.66 -41.31
N VAL C 49 4.69 -44.55 -40.62
CA VAL C 49 3.30 -44.86 -40.92
C VAL C 49 2.52 -44.98 -39.62
N PHE C 50 1.20 -44.99 -39.75
CA PHE C 50 0.30 -45.32 -38.65
C PHE C 50 -0.18 -46.75 -38.81
N ILE C 51 -0.11 -47.53 -37.73
CA ILE C 51 -0.70 -48.85 -37.69
C ILE C 51 -1.98 -48.87 -36.87
N ALA C 52 -2.43 -47.70 -36.42
CA ALA C 52 -3.62 -47.57 -35.59
C ALA C 52 -3.99 -46.09 -35.54
N GLY C 53 -5.27 -45.82 -35.30
CA GLY C 53 -5.77 -44.46 -35.17
C GLY C 53 -5.60 -43.58 -36.39
N PRO C 54 -5.07 -42.36 -36.18
CA PRO C 54 -4.54 -41.90 -34.89
C PRO C 54 -5.61 -41.27 -33.98
N ARG C 55 -6.86 -41.22 -34.46
CA ARG C 55 -7.93 -40.60 -33.71
C ARG C 55 -8.71 -41.59 -32.84
N LYS C 56 -8.53 -42.90 -33.05
CA LYS C 56 -9.24 -43.91 -32.27
C LYS C 56 -8.28 -45.05 -31.95
N ALA C 57 -8.45 -45.64 -30.76
CA ALA C 57 -7.59 -46.72 -30.30
C ALA C 57 -8.02 -48.04 -30.95
N VAL C 58 -7.87 -48.08 -32.27
CA VAL C 58 -8.25 -49.24 -33.08
C VAL C 58 -7.10 -49.57 -34.03
N ILE C 59 -6.84 -50.86 -34.20
CA ILE C 59 -5.78 -51.32 -35.09
C ILE C 59 -6.28 -51.25 -36.53
N ASN C 60 -5.54 -50.54 -37.38
CA ASN C 60 -5.93 -50.36 -38.78
C ASN C 60 -5.44 -51.48 -39.69
N ILE C 61 -4.24 -51.99 -39.43
CA ILE C 61 -3.66 -52.99 -40.34
C ILE C 61 -4.45 -54.29 -40.26
N GLN C 62 -4.34 -55.08 -41.32
CA GLN C 62 -5.01 -56.36 -41.43
C GLN C 62 -3.98 -57.47 -41.58
N GLU C 63 -4.39 -58.70 -41.25
CA GLU C 63 -3.48 -59.84 -41.32
C GLU C 63 -2.96 -60.06 -42.73
N ASP C 64 -3.78 -59.78 -43.74
CA ASP C 64 -3.32 -59.86 -45.12
C ASP C 64 -2.21 -58.83 -45.39
N ASP C 65 -2.42 -57.59 -44.94
CA ASP C 65 -1.44 -56.54 -45.16
C ASP C 65 -0.15 -56.82 -44.41
N LYS C 66 -0.24 -57.46 -43.24
CA LYS C 66 0.94 -57.76 -42.43
C LYS C 66 1.98 -58.55 -43.23
N VAL C 67 1.54 -59.64 -43.87
CA VAL C 67 2.47 -60.55 -44.54
C VAL C 67 3.18 -59.84 -45.68
N GLU C 68 2.43 -59.13 -46.51
CA GLU C 68 3.04 -58.48 -47.67
C GLU C 68 3.88 -57.27 -47.28
N LEU C 69 3.55 -56.63 -46.17
CA LEU C 69 4.33 -55.48 -45.72
C LEU C 69 5.73 -55.88 -45.30
N LEU C 70 5.85 -57.00 -44.59
CA LEU C 70 7.17 -57.47 -44.16
C LEU C 70 8.06 -57.77 -45.36
N LYS C 71 7.50 -58.43 -46.37
CA LYS C 71 8.26 -58.68 -47.59
C LYS C 71 8.64 -57.37 -48.27
N MET C 72 7.74 -56.38 -48.24
CA MET C 72 8.02 -55.10 -48.86
C MET C 72 9.17 -54.37 -48.15
N ILE C 73 9.20 -54.46 -46.81
CA ILE C 73 10.24 -53.77 -46.06
C ILE C 73 11.61 -54.41 -46.31
N VAL C 74 11.66 -55.73 -46.30
CA VAL C 74 12.93 -56.43 -46.51
C VAL C 74 13.42 -56.24 -47.94
N LYS C 75 12.49 -56.21 -48.90
CA LYS C 75 12.88 -56.08 -50.30
C LYS C 75 13.65 -54.79 -50.56
N HIS C 76 13.21 -53.69 -49.96
CA HIS C 76 13.84 -52.39 -50.18
C HIS C 76 14.69 -51.94 -49.00
N ASN C 77 14.93 -52.80 -48.01
CA ASN C 77 15.81 -52.51 -46.88
C ASN C 77 15.44 -51.19 -46.21
N LEU C 78 14.17 -51.10 -45.80
CA LEU C 78 13.62 -49.87 -45.27
C LEU C 78 13.63 -49.87 -43.74
N TRP C 79 13.92 -48.70 -43.17
CA TRP C 79 13.86 -48.49 -41.72
C TRP C 79 12.54 -47.78 -41.43
N VAL C 80 11.59 -48.51 -40.85
CA VAL C 80 10.22 -48.02 -40.71
C VAL C 80 9.87 -47.92 -39.23
N VAL C 81 9.25 -46.80 -38.86
CA VAL C 81 8.64 -46.62 -37.54
C VAL C 81 7.15 -46.41 -37.70
N ALA C 82 6.45 -46.63 -36.59
CA ALA C 82 5.02 -46.37 -36.49
C ALA C 82 4.80 -45.29 -35.43
N HIS C 83 4.14 -44.21 -35.83
CA HIS C 83 3.72 -43.20 -34.86
C HIS C 83 2.48 -43.71 -34.12
N GLY C 84 2.55 -43.71 -32.79
CA GLY C 84 1.41 -44.14 -32.01
C GLY C 84 0.22 -43.20 -32.19
N THR C 85 -0.95 -43.71 -31.83
CA THR C 85 -2.14 -42.88 -31.86
C THR C 85 -2.04 -41.77 -30.81
N TYR C 86 -2.87 -40.74 -30.99
CA TYR C 86 -2.87 -39.65 -30.03
C TYR C 86 -3.42 -40.05 -28.67
N LEU C 87 -3.96 -41.26 -28.55
CA LEU C 87 -4.47 -41.79 -27.30
C LEU C 87 -3.42 -42.53 -26.48
N ASP C 88 -2.17 -42.59 -26.97
CA ASP C 88 -1.13 -43.39 -26.33
C ASP C 88 -0.46 -42.54 -25.25
N VAL C 89 -1.01 -42.61 -24.04
CA VAL C 89 -0.45 -41.91 -22.89
C VAL C 89 -0.36 -42.89 -21.72
N PRO C 90 0.74 -43.63 -21.58
CA PRO C 90 0.85 -44.62 -20.50
C PRO C 90 0.77 -44.03 -19.10
N TRP C 91 1.04 -42.73 -18.95
CA TRP C 91 1.00 -42.08 -17.63
C TRP C 91 -0.29 -41.27 -17.48
N SER C 92 -1.42 -41.96 -17.63
CA SER C 92 -2.71 -41.31 -17.60
C SER C 92 -3.69 -42.06 -16.69
N ARG C 93 -4.95 -41.62 -16.72
CA ARG C 93 -5.99 -42.28 -15.94
C ARG C 93 -6.27 -43.68 -16.47
N ARG C 94 -6.34 -43.83 -17.79
CA ARG C 94 -6.58 -45.13 -18.39
C ARG C 94 -5.26 -45.79 -18.77
N SER C 95 -4.41 -45.92 -17.75
CA SER C 95 -3.10 -46.52 -17.93
C SER C 95 -3.14 -48.04 -17.89
N ALA C 96 -4.32 -48.64 -17.77
CA ALA C 96 -4.50 -50.09 -17.87
C ALA C 96 -4.87 -50.54 -19.27
N PHE C 97 -5.79 -49.82 -19.92
CA PHE C 97 -6.14 -50.12 -21.30
C PHE C 97 -5.03 -49.71 -22.26
N VAL C 98 -4.51 -48.49 -22.10
CA VAL C 98 -3.53 -47.95 -23.03
C VAL C 98 -2.27 -48.81 -23.05
N THR C 99 -1.78 -49.20 -21.86
CA THR C 99 -0.56 -50.00 -21.81
C THR C 99 -0.73 -51.33 -22.53
N HIS C 100 -1.94 -51.90 -22.55
CA HIS C 100 -2.16 -53.14 -23.27
C HIS C 100 -2.29 -52.88 -24.76
N PHE C 101 -2.93 -51.77 -25.14
CA PHE C 101 -3.02 -51.42 -26.56
C PHE C 101 -1.63 -51.22 -27.16
N ILE C 102 -0.74 -50.56 -26.42
CA ILE C 102 0.63 -50.38 -26.90
C ILE C 102 1.32 -51.73 -27.06
N GLN C 103 1.07 -52.66 -26.14
CA GLN C 103 1.62 -54.00 -26.27
C GLN C 103 1.19 -54.64 -27.59
N GLN C 104 -0.05 -54.38 -28.01
CA GLN C 104 -0.51 -54.87 -29.30
C GLN C 104 0.25 -54.23 -30.44
N GLU C 105 0.35 -52.90 -30.43
CA GLU C 105 1.12 -52.20 -31.46
C GLU C 105 2.56 -52.66 -31.49
N LEU C 106 3.17 -52.81 -30.31
CA LEU C 106 4.57 -53.23 -30.26
C LEU C 106 4.77 -54.61 -30.88
N LEU C 107 3.86 -55.54 -30.59
CA LEU C 107 3.98 -56.89 -31.14
C LEU C 107 3.81 -56.89 -32.65
N ILE C 108 2.96 -56.00 -33.18
CA ILE C 108 2.76 -55.95 -34.63
C ILE C 108 4.01 -55.43 -35.34
N CYS C 109 4.70 -54.45 -34.73
CA CYS C 109 5.92 -53.92 -35.32
C CYS C 109 6.96 -55.02 -35.51
N LYS C 110 7.13 -55.87 -34.51
CA LYS C 110 8.00 -57.04 -34.68
C LYS C 110 7.47 -57.96 -35.76
N GLU C 111 6.15 -58.11 -35.85
CA GLU C 111 5.55 -59.03 -36.82
C GLU C 111 5.87 -58.63 -38.26
N VAL C 112 5.98 -57.33 -38.53
CA VAL C 112 6.11 -56.83 -39.90
C VAL C 112 7.44 -56.16 -40.17
N GLY C 113 8.36 -56.16 -39.20
CA GLY C 113 9.67 -55.59 -39.43
C GLY C 113 9.79 -54.10 -39.19
N ILE C 114 8.87 -53.50 -38.45
CA ILE C 114 8.97 -52.10 -38.08
C ILE C 114 9.91 -51.97 -36.88
N LYS C 115 10.77 -50.96 -36.91
CA LYS C 115 11.89 -50.86 -35.98
C LYS C 115 11.56 -50.06 -34.72
N GLY C 116 10.35 -49.55 -34.56
CA GLY C 116 10.04 -48.81 -33.35
C GLY C 116 8.66 -48.18 -33.43
N LEU C 117 8.27 -47.60 -32.29
CA LEU C 117 7.00 -46.91 -32.13
C LEU C 117 7.25 -45.55 -31.49
N VAL C 118 6.67 -44.51 -32.07
CA VAL C 118 6.88 -43.14 -31.60
C VAL C 118 5.75 -42.78 -30.65
N LEU C 119 6.11 -42.39 -29.42
CA LEU C 119 5.15 -41.95 -28.42
C LEU C 119 5.42 -40.50 -28.07
N HIS C 120 4.35 -39.74 -27.85
CA HIS C 120 4.47 -38.34 -27.45
C HIS C 120 4.73 -38.22 -25.97
N LEU C 121 5.61 -37.30 -25.61
CA LEU C 121 5.88 -36.99 -24.22
C LEU C 121 4.87 -35.96 -23.73
N GLY C 122 4.34 -36.17 -22.53
CA GLY C 122 3.45 -35.20 -21.93
C GLY C 122 4.20 -34.11 -21.17
N ALA C 123 3.47 -33.05 -20.84
CA ALA C 123 3.99 -32.00 -19.99
C ALA C 123 3.81 -32.38 -18.51
N VAL C 124 4.38 -33.54 -18.18
CA VAL C 124 4.23 -34.14 -16.87
C VAL C 124 5.62 -34.41 -16.29
N GLU C 125 5.66 -34.55 -14.97
CA GLU C 125 6.91 -34.85 -14.30
C GLU C 125 7.53 -36.12 -14.88
N PRO C 126 8.86 -36.19 -14.97
CA PRO C 126 9.50 -37.34 -15.65
C PRO C 126 9.24 -38.68 -14.99
N GLU C 127 8.94 -38.73 -13.70
CA GLU C 127 8.77 -40.01 -13.02
C GLU C 127 7.44 -40.66 -13.36
N LEU C 128 6.39 -39.87 -13.59
CA LEU C 128 5.17 -40.43 -14.12
C LEU C 128 5.41 -41.08 -15.47
N ILE C 129 6.34 -40.52 -16.26
CA ILE C 129 6.63 -41.07 -17.58
C ILE C 129 7.28 -42.45 -17.44
N VAL C 130 8.33 -42.56 -16.61
CA VAL C 130 8.99 -43.85 -16.45
C VAL C 130 8.08 -44.84 -15.73
N GLU C 131 7.24 -44.35 -14.81
CA GLU C 131 6.26 -45.22 -14.17
C GLU C 131 5.34 -45.85 -15.22
N GLY C 132 4.83 -45.04 -16.14
CA GLY C 132 4.02 -45.58 -17.22
C GLY C 132 4.82 -46.48 -18.15
N LEU C 133 6.08 -46.11 -18.42
CA LEU C 133 6.90 -46.93 -19.29
C LEU C 133 7.28 -48.26 -18.62
N LYS C 134 7.41 -48.26 -17.30
CA LYS C 134 7.69 -49.50 -16.58
C LYS C 134 6.55 -50.51 -16.67
N LYS C 135 5.33 -50.06 -16.93
CA LYS C 135 4.19 -50.95 -17.06
C LYS C 135 4.16 -51.68 -18.39
N ILE C 136 5.08 -51.38 -19.30
CA ILE C 136 5.09 -51.94 -20.64
C ILE C 136 6.13 -53.04 -20.72
N LYS C 137 5.69 -54.26 -20.96
CA LYS C 137 6.63 -55.34 -21.22
C LYS C 137 7.13 -55.22 -22.64
N PRO C 138 8.45 -55.07 -22.85
CA PRO C 138 8.95 -54.78 -24.20
C PRO C 138 9.01 -56.03 -25.08
N VAL C 139 9.10 -55.78 -26.38
CA VAL C 139 9.37 -56.81 -27.37
C VAL C 139 10.69 -56.48 -28.03
N GLU C 140 11.49 -57.50 -28.31
CA GLU C 140 12.83 -57.27 -28.81
C GLU C 140 12.78 -56.77 -30.24
N GLY C 141 13.82 -56.03 -30.64
CA GLY C 141 13.91 -55.44 -31.95
C GLY C 141 13.06 -54.21 -32.16
N VAL C 142 12.21 -53.85 -31.19
CA VAL C 142 11.33 -52.69 -31.29
C VAL C 142 11.62 -51.77 -30.11
N VAL C 143 11.98 -50.53 -30.40
CA VAL C 143 12.36 -49.56 -29.39
C VAL C 143 11.34 -48.43 -29.39
N ILE C 144 10.92 -48.02 -28.20
CA ILE C 144 9.96 -46.93 -28.05
C ILE C 144 10.70 -45.60 -28.16
N TYR C 145 10.34 -44.79 -29.15
CA TYR C 145 10.92 -43.47 -29.33
C TYR C 145 10.00 -42.43 -28.67
N LEU C 146 10.59 -41.58 -27.84
CA LEU C 146 9.86 -40.55 -27.12
C LEU C 146 10.03 -39.23 -27.85
N GLU C 147 8.94 -38.69 -28.38
CA GLU C 147 9.00 -37.48 -29.18
C GLU C 147 8.88 -36.24 -28.29
N THR C 148 9.64 -35.20 -28.63
CA THR C 148 9.61 -33.96 -27.87
C THR C 148 8.26 -33.28 -28.02
N PRO C 149 7.62 -32.85 -26.93
CA PRO C 149 6.31 -32.21 -27.04
C PRO C 149 6.41 -30.74 -27.41
N HIS C 150 5.30 -30.01 -27.28
CA HIS C 150 5.21 -28.62 -27.71
C HIS C 150 4.18 -27.92 -26.84
N ASN C 151 4.65 -27.07 -25.93
CA ASN C 151 3.74 -26.29 -25.10
C ASN C 151 4.41 -24.97 -24.70
N LYS C 152 3.58 -24.04 -24.24
CA LYS C 152 3.98 -22.66 -23.98
C LYS C 152 4.01 -22.32 -22.50
N HIS C 153 2.98 -22.69 -21.74
CA HIS C 153 2.83 -22.26 -20.35
C HIS C 153 3.18 -23.35 -19.35
N HIS C 154 3.29 -24.60 -19.79
CA HIS C 154 3.61 -25.69 -18.89
C HIS C 154 5.06 -25.66 -18.46
N THR C 155 5.33 -26.17 -17.27
CA THR C 155 6.71 -26.23 -16.78
C THR C 155 7.57 -27.14 -17.64
N TYR C 156 7.12 -28.38 -17.85
CA TYR C 156 7.92 -29.41 -18.51
C TYR C 156 7.75 -29.33 -20.02
N LYS C 157 8.79 -28.85 -20.72
CA LYS C 157 8.79 -28.80 -22.18
C LYS C 157 9.56 -29.93 -22.83
N TYR C 158 10.55 -30.50 -22.15
CA TYR C 158 11.42 -31.52 -22.72
C TYR C 158 11.99 -31.10 -24.08
N SER C 159 12.28 -29.79 -24.20
CA SER C 159 12.93 -29.25 -25.38
C SER C 159 14.27 -28.63 -25.08
N THR C 160 14.61 -28.41 -23.82
CA THR C 160 15.95 -28.02 -23.42
C THR C 160 16.71 -29.26 -22.99
N MET C 161 18.03 -29.22 -23.16
CA MET C 161 18.84 -30.39 -22.87
C MET C 161 18.85 -30.71 -21.38
N GLU C 162 18.67 -29.70 -20.52
CA GLU C 162 18.66 -29.94 -19.08
C GLU C 162 17.51 -30.85 -18.68
N GLN C 163 16.34 -30.69 -19.31
CA GLN C 163 15.20 -31.53 -18.97
C GLN C 163 15.26 -32.89 -19.65
N ILE C 164 15.79 -32.94 -20.88
CA ILE C 164 15.94 -34.22 -21.56
C ILE C 164 16.92 -35.11 -20.80
N LYS C 165 18.00 -34.52 -20.28
CA LYS C 165 19.01 -35.30 -19.58
C LYS C 165 18.44 -35.95 -18.32
N GLU C 166 17.80 -35.16 -17.45
CA GLU C 166 17.25 -35.72 -16.21
C GLU C 166 16.18 -36.76 -16.51
N LEU C 167 15.40 -36.56 -17.57
CA LEU C 167 14.41 -37.56 -17.96
C LEU C 167 15.09 -38.88 -18.31
N PHE C 168 16.00 -38.86 -19.29
CA PHE C 168 16.64 -40.10 -19.70
C PHE C 168 17.63 -40.61 -18.66
N LEU C 169 18.14 -39.73 -17.79
CA LEU C 169 18.91 -40.20 -16.64
C LEU C 169 18.03 -41.06 -15.74
N ARG C 170 16.78 -40.62 -15.54
CA ARG C 170 15.82 -41.41 -14.79
C ARG C 170 15.55 -42.74 -15.48
N ILE C 171 15.55 -42.75 -16.81
CA ILE C 171 15.32 -43.97 -17.56
C ILE C 171 16.48 -44.94 -17.39
N ARG C 172 17.71 -44.45 -17.48
CA ARG C 172 18.87 -45.33 -17.39
C ARG C 172 19.03 -45.90 -15.98
N ASN C 173 18.72 -45.10 -14.96
CA ASN C 173 18.83 -45.59 -13.58
C ASN C 173 17.82 -46.69 -13.28
N THR C 174 16.71 -46.77 -14.01
CA THR C 174 15.73 -47.82 -13.77
C THR C 174 15.98 -49.05 -14.63
N ARG C 175 17.00 -49.01 -15.48
CA ARG C 175 17.40 -50.11 -16.35
C ARG C 175 16.21 -50.74 -17.09
N LEU C 176 15.40 -49.89 -17.72
CA LEU C 176 14.39 -50.35 -18.66
C LEU C 176 14.95 -50.20 -20.07
N LYS C 177 14.93 -51.28 -20.83
CA LYS C 177 15.62 -51.34 -22.12
C LYS C 177 14.72 -50.95 -23.29
N GLN C 178 15.37 -50.53 -24.37
CA GLN C 178 14.73 -50.18 -25.63
C GLN C 178 13.82 -48.96 -25.51
N ILE C 179 14.38 -47.86 -25.02
CA ILE C 179 13.72 -46.56 -24.98
C ILE C 179 14.59 -45.59 -25.77
N GLY C 180 13.97 -44.87 -26.70
CA GLY C 180 14.72 -43.93 -27.52
C GLY C 180 14.18 -42.51 -27.47
N LEU C 181 14.73 -41.63 -28.29
CA LEU C 181 14.34 -40.23 -28.31
C LEU C 181 14.08 -39.79 -29.74
N CYS C 182 12.93 -39.15 -29.96
CA CYS C 182 12.58 -38.59 -31.25
C CYS C 182 12.57 -37.07 -31.13
N ILE C 183 13.35 -36.41 -31.96
CA ILE C 183 13.51 -34.96 -31.91
C ILE C 183 12.74 -34.37 -33.07
N ASP C 184 11.69 -33.63 -32.77
CA ASP C 184 10.91 -32.89 -33.77
C ASP C 184 11.39 -31.45 -33.74
N THR C 185 12.03 -31.03 -34.84
CA THR C 185 12.54 -29.66 -34.90
C THR C 185 11.43 -28.65 -34.72
N ALA C 186 10.25 -28.93 -35.29
CA ALA C 186 9.12 -28.01 -35.12
C ALA C 186 8.61 -28.00 -33.68
N HIS C 187 8.65 -29.15 -33.00
CA HIS C 187 8.14 -29.21 -31.63
C HIS C 187 9.05 -28.45 -30.66
N ILE C 188 10.36 -28.67 -30.74
CA ILE C 188 11.27 -27.97 -29.85
C ILE C 188 11.34 -26.49 -30.19
N TRP C 189 11.06 -26.13 -31.44
CA TRP C 189 11.05 -24.73 -31.84
C TRP C 189 9.82 -24.01 -31.33
N SER C 190 8.64 -24.62 -31.49
CA SER C 190 7.43 -24.07 -30.90
C SER C 190 7.42 -24.20 -29.39
N SER C 191 8.48 -24.77 -28.80
CA SER C 191 8.60 -24.92 -27.37
C SER C 191 9.61 -23.95 -26.77
N GLY C 192 10.17 -23.05 -27.58
CA GLY C 192 11.05 -22.00 -27.09
C GLY C 192 12.49 -22.06 -27.57
N VAL C 193 12.91 -23.14 -28.24
CA VAL C 193 14.30 -23.30 -28.63
C VAL C 193 14.48 -22.78 -30.05
N ASN C 194 15.17 -21.65 -30.20
CA ASN C 194 15.43 -21.09 -31.52
C ASN C 194 16.56 -21.87 -32.18
N ILE C 195 16.25 -22.49 -33.32
CA ILE C 195 17.24 -23.27 -34.05
C ILE C 195 17.34 -22.76 -35.48
N SER C 196 17.23 -21.44 -35.64
CA SER C 196 17.24 -20.87 -36.99
C SER C 196 18.65 -20.81 -37.56
N SER C 197 19.58 -20.23 -36.81
CA SER C 197 20.94 -20.08 -37.30
C SER C 197 21.73 -21.37 -37.09
N TYR C 198 22.82 -21.49 -37.85
CA TYR C 198 23.64 -22.70 -37.80
C TYR C 198 24.23 -22.91 -36.40
N ASN C 199 24.68 -21.83 -35.76
CA ASN C 199 25.34 -21.97 -34.47
C ASN C 199 24.35 -22.24 -33.35
N ASP C 200 23.14 -21.70 -33.43
CA ASP C 200 22.15 -21.97 -32.40
C ASP C 200 21.72 -23.43 -32.41
N ALA C 201 21.46 -23.98 -33.60
CA ALA C 201 21.26 -25.42 -33.70
C ALA C 201 22.52 -26.18 -33.31
N GLY C 202 23.69 -25.61 -33.63
CA GLY C 202 24.94 -26.25 -33.26
C GLY C 202 25.06 -26.49 -31.77
N GLN C 203 24.87 -25.44 -30.97
CA GLN C 203 25.04 -25.57 -29.52
C GLN C 203 23.99 -26.52 -28.94
N TRP C 204 22.77 -26.51 -29.49
CA TRP C 204 21.76 -27.44 -28.99
C TRP C 204 22.15 -28.88 -29.31
N LEU C 205 22.53 -29.15 -30.55
CA LEU C 205 22.96 -30.51 -30.92
C LEU C 205 24.25 -30.89 -30.22
N ARG C 206 25.15 -29.93 -30.05
CA ARG C 206 26.37 -30.17 -29.28
C ARG C 206 26.03 -30.58 -27.86
N SER C 207 25.04 -29.94 -27.26
CA SER C 207 24.62 -30.30 -25.90
C SER C 207 23.98 -31.68 -25.86
N LEU C 208 23.33 -32.10 -26.96
CA LEU C 208 22.81 -33.46 -27.03
C LEU C 208 23.94 -34.47 -27.07
N GLU C 209 25.01 -34.16 -27.80
CA GLU C 209 26.16 -35.06 -27.86
C GLU C 209 26.84 -35.19 -26.50
N ASN C 210 26.78 -34.13 -25.67
CA ASN C 210 27.42 -34.14 -24.37
C ASN C 210 26.77 -35.10 -23.38
N ILE C 211 25.56 -35.58 -23.67
CA ILE C 211 24.88 -36.52 -22.78
C ILE C 211 24.69 -37.85 -23.49
N HIS C 212 25.63 -38.19 -24.38
CA HIS C 212 25.54 -39.43 -25.12
C HIS C 212 25.64 -40.66 -24.22
N SER C 213 26.21 -40.51 -23.02
CA SER C 213 26.22 -41.63 -22.09
C SER C 213 24.82 -41.91 -21.56
N VAL C 214 23.96 -40.92 -21.56
CA VAL C 214 22.58 -41.09 -21.09
C VAL C 214 21.66 -41.51 -22.23
N ILE C 215 21.78 -40.86 -23.38
CA ILE C 215 20.99 -41.19 -24.56
C ILE C 215 21.91 -41.31 -25.77
N PRO C 216 22.29 -42.54 -26.15
CA PRO C 216 23.23 -42.68 -27.25
C PRO C 216 22.57 -42.38 -28.58
N PRO C 217 23.30 -41.87 -29.56
CA PRO C 217 22.72 -41.58 -30.88
C PRO C 217 22.18 -42.80 -31.61
N SER C 218 22.51 -44.01 -31.17
CA SER C 218 21.93 -45.20 -31.77
C SER C 218 20.44 -45.31 -31.48
N HIS C 219 19.95 -44.64 -30.45
CA HIS C 219 18.54 -44.66 -30.09
C HIS C 219 17.88 -43.30 -30.33
N ILE C 220 18.31 -42.58 -31.36
CA ILE C 220 17.82 -41.24 -31.64
C ILE C 220 17.35 -41.19 -33.09
N MET C 221 16.16 -40.62 -33.31
CA MET C 221 15.63 -40.35 -34.63
C MET C 221 15.15 -38.91 -34.68
N PHE C 222 14.84 -38.43 -35.88
CA PHE C 222 14.48 -37.03 -36.08
C PHE C 222 13.21 -36.89 -36.90
N HIS C 223 12.42 -35.88 -36.56
CA HIS C 223 11.31 -35.42 -37.39
C HIS C 223 11.74 -34.08 -37.97
N LEU C 224 12.12 -34.08 -39.24
CA LEU C 224 12.63 -32.87 -39.90
C LEU C 224 11.43 -32.08 -40.41
N ASN C 225 10.96 -31.14 -39.58
CA ASN C 225 9.82 -30.32 -39.93
C ASN C 225 10.18 -28.85 -39.72
N ASP C 226 9.85 -28.02 -40.70
CA ASP C 226 9.79 -26.60 -40.46
C ASP C 226 8.50 -26.27 -39.73
N ALA C 227 8.34 -25.02 -39.33
CA ALA C 227 7.18 -24.62 -38.54
C ALA C 227 6.57 -23.34 -39.09
N ALA C 228 5.24 -23.33 -39.20
CA ALA C 228 4.48 -22.17 -39.62
C ALA C 228 3.91 -21.41 -38.44
N THR C 229 4.64 -21.39 -37.33
CA THR C 229 4.24 -20.67 -36.13
C THR C 229 5.45 -19.92 -35.60
N GLU C 230 5.29 -19.29 -34.45
CA GLU C 230 6.36 -18.52 -33.82
C GLU C 230 7.11 -19.37 -32.80
N CYS C 231 8.36 -19.01 -32.57
CA CYS C 231 9.17 -19.69 -31.57
C CYS C 231 8.59 -19.46 -30.18
N GLY C 232 8.22 -20.54 -29.51
CA GLY C 232 7.64 -20.47 -28.18
C GLY C 232 6.13 -20.35 -28.14
N SER C 233 5.47 -20.37 -29.30
CA SER C 233 4.02 -20.23 -29.32
C SER C 233 3.34 -21.40 -28.64
N GLY C 234 3.86 -22.61 -28.81
CA GLY C 234 3.24 -23.79 -28.29
C GLY C 234 2.30 -24.49 -29.25
N ILE C 235 2.34 -24.14 -30.52
CA ILE C 235 1.41 -24.65 -31.53
C ILE C 235 2.20 -25.54 -32.49
N ASP C 236 1.65 -26.72 -32.75
CA ASP C 236 2.26 -27.67 -33.69
C ASP C 236 1.70 -27.39 -35.08
N ARG C 237 2.51 -26.75 -35.92
CA ARG C 237 2.14 -26.41 -37.29
C ARG C 237 3.34 -26.71 -38.18
N HIS C 238 3.39 -27.92 -38.74
CA HIS C 238 4.51 -28.29 -39.59
C HIS C 238 4.50 -27.51 -40.89
N ALA C 239 5.69 -27.38 -41.48
CA ALA C 239 5.84 -26.71 -42.76
C ALA C 239 6.99 -27.35 -43.51
N SER C 240 7.02 -27.12 -44.82
CA SER C 240 8.10 -27.65 -45.63
C SER C 240 9.41 -26.93 -45.28
N LEU C 241 10.53 -27.63 -45.47
CA LEU C 241 11.83 -27.08 -45.13
C LEU C 241 12.11 -25.81 -45.89
N PHE C 242 12.54 -24.78 -45.16
CA PHE C 242 12.85 -23.43 -45.66
C PHE C 242 11.61 -22.69 -46.13
N GLU C 243 10.42 -23.18 -45.82
CA GLU C 243 9.18 -22.49 -46.13
C GLU C 243 8.43 -22.05 -44.88
N GLY C 244 8.89 -22.43 -43.69
CA GLY C 244 8.27 -22.01 -42.45
C GLY C 244 9.09 -20.93 -41.74
N MET C 245 8.59 -20.54 -40.57
CA MET C 245 9.18 -19.40 -39.85
C MET C 245 10.53 -19.70 -39.22
N ILE C 246 11.04 -20.94 -39.31
CA ILE C 246 12.34 -21.23 -38.74
C ILE C 246 13.46 -20.92 -39.73
N TRP C 247 13.37 -21.45 -40.95
CA TRP C 247 14.48 -21.38 -41.89
C TRP C 247 14.09 -20.71 -43.21
N LYS C 248 12.98 -19.94 -43.22
CA LYS C 248 12.64 -19.17 -44.41
C LYS C 248 13.71 -18.13 -44.71
N SER C 249 14.29 -17.54 -43.67
CA SER C 249 15.34 -16.53 -43.86
C SER C 249 16.57 -17.10 -44.55
N TYR C 250 16.71 -18.42 -44.58
CA TYR C 250 17.86 -19.09 -45.20
C TYR C 250 17.46 -19.80 -46.49
N SER C 251 16.58 -19.17 -47.27
CA SER C 251 16.10 -19.81 -48.49
C SER C 251 17.18 -19.88 -49.56
N HIS C 252 18.12 -18.93 -49.56
CA HIS C 252 19.21 -18.90 -50.53
C HIS C 252 20.57 -18.95 -49.86
N LYS C 253 20.62 -19.37 -48.60
CA LYS C 253 21.87 -19.63 -47.89
C LYS C 253 21.63 -20.86 -47.01
N ILE C 254 21.28 -21.97 -47.67
CA ILE C 254 20.76 -23.13 -46.95
C ILE C 254 21.84 -23.80 -46.11
N LYS C 255 23.10 -23.70 -46.52
CA LYS C 255 24.18 -24.33 -45.76
C LYS C 255 24.63 -23.47 -44.58
N GLN C 256 23.99 -22.32 -44.36
CA GLN C 256 24.20 -21.51 -43.16
C GLN C 256 23.04 -21.63 -42.18
N SER C 257 22.08 -22.52 -42.45
CA SER C 257 20.90 -22.65 -41.63
C SER C 257 21.09 -23.69 -40.54
N GLY C 258 20.28 -23.59 -39.49
CA GLY C 258 20.27 -24.61 -38.46
C GLY C 258 19.87 -25.98 -38.96
N LEU C 259 19.13 -26.05 -40.08
CA LEU C 259 18.75 -27.33 -40.64
C LEU C 259 19.97 -28.12 -41.10
N TYR C 260 20.86 -27.46 -41.85
CA TYR C 260 22.06 -28.15 -42.32
C TYR C 260 22.87 -28.70 -41.16
N CYS C 261 22.88 -27.99 -40.03
CA CYS C 261 23.55 -28.51 -38.84
C CYS C 261 22.88 -29.78 -38.34
N PHE C 262 21.55 -29.86 -38.47
CA PHE C 262 20.84 -31.09 -38.12
C PHE C 262 21.17 -32.20 -39.11
N VAL C 263 21.27 -31.87 -40.40
CA VAL C 263 21.62 -32.87 -41.40
C VAL C 263 23.03 -33.39 -41.16
N GLU C 264 23.95 -32.51 -40.76
CA GLU C 264 25.30 -32.94 -40.43
C GLU C 264 25.29 -33.93 -39.29
N TYR C 265 24.50 -33.66 -38.24
CA TYR C 265 24.36 -34.61 -37.15
C TYR C 265 23.77 -35.93 -37.63
N ILE C 266 22.75 -35.87 -38.49
CA ILE C 266 22.10 -37.08 -38.96
C ILE C 266 23.04 -37.93 -39.79
N THR C 267 23.83 -37.29 -40.65
CA THR C 267 24.81 -38.03 -41.44
C THR C 267 25.93 -38.58 -40.55
N ARG C 268 26.33 -37.81 -39.54
CA ARG C 268 27.42 -38.24 -38.66
C ARG C 268 27.07 -39.53 -37.93
N HIS C 269 25.87 -39.61 -37.38
CA HIS C 269 25.48 -40.74 -36.55
C HIS C 269 24.54 -41.70 -37.27
N GLN C 270 24.35 -41.53 -38.58
CA GLN C 270 23.54 -42.44 -39.39
C GLN C 270 22.14 -42.60 -38.80
N CYS C 271 21.50 -41.45 -38.52
CA CYS C 271 20.20 -41.40 -37.87
C CYS C 271 19.08 -41.38 -38.90
N PRO C 272 17.90 -41.84 -38.50
CA PRO C 272 16.72 -41.70 -39.37
C PRO C 272 16.10 -40.33 -39.23
N ALA C 273 15.60 -39.80 -40.35
CA ALA C 273 14.98 -38.49 -40.39
C ALA C 273 13.69 -38.59 -41.17
N ILE C 274 12.58 -38.21 -40.54
CA ILE C 274 11.25 -38.34 -41.11
C ILE C 274 10.69 -36.94 -41.35
N LEU C 275 10.13 -36.72 -42.53
CA LEU C 275 9.50 -35.46 -42.89
C LEU C 275 7.99 -35.64 -42.77
N GLU C 276 7.40 -35.05 -41.73
CA GLU C 276 5.97 -35.15 -41.47
C GLU C 276 5.26 -33.96 -42.08
N ARG C 277 4.62 -34.17 -43.23
CA ARG C 277 3.88 -33.12 -43.91
C ARG C 277 2.41 -33.52 -44.04
N ASN C 278 1.53 -32.65 -43.57
CA ASN C 278 0.09 -32.81 -43.71
C ASN C 278 -0.39 -31.76 -44.71
N LEU C 279 -0.73 -32.20 -45.93
CA LEU C 279 -1.35 -31.27 -46.87
C LEU C 279 -2.75 -31.74 -47.24
N GLY C 280 -3.23 -31.30 -48.40
CA GLY C 280 -4.60 -31.60 -48.79
C GLY C 280 -4.73 -32.81 -49.70
N SER C 281 -4.12 -32.72 -50.87
CA SER C 281 -4.23 -33.75 -51.89
C SER C 281 -2.88 -34.43 -52.09
N SER C 282 -2.91 -35.51 -52.89
CA SER C 282 -1.67 -36.18 -53.24
C SER C 282 -0.81 -35.31 -54.15
N MET C 283 -1.44 -34.49 -55.00
CA MET C 283 -0.68 -33.58 -55.83
C MET C 283 0.00 -32.50 -55.01
N GLN C 284 -0.69 -31.99 -53.99
CA GLN C 284 -0.08 -31.00 -53.10
C GLN C 284 1.08 -31.59 -52.32
N LEU C 285 0.91 -32.82 -51.80
CA LEU C 285 1.94 -33.44 -50.99
C LEU C 285 3.18 -33.77 -51.81
N GLN C 286 2.99 -34.45 -52.95
CA GLN C 286 4.11 -34.83 -53.78
C GLN C 286 4.81 -33.63 -54.40
N THR C 287 4.13 -32.49 -54.50
CA THR C 287 4.79 -31.26 -54.94
C THR C 287 5.73 -30.75 -53.85
N ALA C 288 5.24 -30.66 -52.61
CA ALA C 288 6.07 -30.18 -51.52
C ALA C 288 7.22 -31.13 -51.23
N LEU C 289 6.97 -32.44 -51.31
CA LEU C 289 8.03 -33.40 -51.02
C LEU C 289 9.14 -33.33 -52.06
N THR C 290 8.79 -33.10 -53.33
CA THR C 290 9.81 -32.96 -54.36
C THR C 290 10.69 -31.76 -54.10
N ALA C 291 10.11 -30.65 -53.62
CA ALA C 291 10.91 -29.46 -53.32
C ALA C 291 11.88 -29.73 -52.17
N GLU C 292 11.39 -30.33 -51.09
CA GLU C 292 12.23 -30.56 -49.92
C GLU C 292 13.33 -31.58 -50.22
N PHE C 293 12.97 -32.71 -50.84
CA PHE C 293 13.95 -33.77 -51.03
C PHE C 293 14.99 -33.39 -52.09
N THR C 294 14.61 -32.59 -53.08
CA THR C 294 15.63 -32.06 -53.98
C THR C 294 16.52 -31.05 -53.28
N THR C 295 15.97 -30.33 -52.29
CA THR C 295 16.81 -29.45 -51.48
C THR C 295 17.78 -30.26 -50.63
N LEU C 296 17.33 -31.40 -50.10
CA LEU C 296 18.24 -32.29 -49.39
C LEU C 296 19.25 -32.92 -50.34
N LYS C 297 18.81 -33.28 -51.55
CA LYS C 297 19.72 -33.83 -52.54
C LYS C 297 20.91 -32.91 -52.78
N SER C 298 20.66 -31.60 -52.90
CA SER C 298 21.75 -30.65 -53.06
C SER C 298 22.59 -30.53 -51.80
N LEU C 299 21.96 -30.66 -50.62
CA LEU C 299 22.71 -30.58 -49.36
C LEU C 299 23.66 -31.76 -49.20
N LEU C 300 23.30 -32.92 -49.74
CA LEU C 300 24.11 -34.12 -49.61
C LEU C 300 25.06 -34.31 -50.79
N LYS C 301 25.15 -33.34 -51.70
CA LYS C 301 26.05 -33.45 -52.83
C LYS C 301 27.46 -33.00 -52.46
N GLY D 3 21.96 3.53 32.41
CA GLY D 3 20.81 4.41 32.26
C GLY D 3 20.78 5.53 33.28
N GLY D 4 20.00 6.57 33.00
CA GLY D 4 19.84 7.69 33.91
C GLY D 4 18.53 7.67 34.66
N GLY D 5 17.79 8.78 34.59
CA GLY D 5 16.50 8.85 35.23
C GLY D 5 15.39 8.22 34.41
N MET D 6 14.31 7.85 35.10
CA MET D 6 13.17 7.17 34.51
C MET D 6 11.98 8.12 34.55
N PHE D 7 11.76 8.83 33.44
CA PHE D 7 10.73 9.87 33.38
C PHE D 7 9.43 9.31 32.83
N GLY D 8 8.34 9.90 33.30
CA GLY D 8 7.02 9.49 32.85
C GLY D 8 5.96 10.46 33.35
N ALA D 9 4.70 10.08 33.14
CA ALA D 9 3.57 10.90 33.52
C ALA D 9 2.47 10.03 34.10
N PHE D 10 1.45 10.70 34.65
CA PHE D 10 0.29 10.01 35.21
C PHE D 10 -0.70 9.66 34.10
N VAL D 11 -1.09 8.38 34.04
CA VAL D 11 -1.92 7.84 32.97
C VAL D 11 -3.33 7.64 33.51
N SER D 12 -4.25 8.49 33.10
CA SER D 12 -5.66 8.31 33.45
C SER D 12 -6.28 7.18 32.64
N HIS D 13 -7.35 6.58 33.19
CA HIS D 13 -8.07 5.54 32.47
C HIS D 13 -8.90 6.14 31.33
N ARG D 14 -9.90 6.95 31.69
CA ARG D 14 -10.76 7.62 30.71
C ARG D 14 -10.14 8.91 30.18
N LEU D 15 -8.81 8.91 30.00
CA LEU D 15 -8.16 9.93 29.18
C LEU D 15 -7.06 9.35 28.30
N TRP D 16 -6.71 8.09 28.46
CA TRP D 16 -5.73 7.42 27.64
C TRP D 16 -6.24 6.16 26.96
N SER D 17 -7.30 5.58 27.47
CA SER D 17 -7.84 4.43 26.79
C SER D 17 -8.76 4.91 25.71
N ASP D 18 -8.64 4.32 24.53
CA ASP D 18 -9.40 4.75 23.39
C ASP D 18 -10.84 4.70 23.77
N SER D 19 -11.63 5.53 23.13
CA SER D 19 -13.02 5.71 23.49
C SER D 19 -13.80 4.48 23.63
N GLY D 20 -14.58 4.47 24.70
CA GLY D 20 -15.42 3.36 25.04
C GLY D 20 -14.72 2.07 25.34
N CYS D 21 -13.57 2.14 25.96
CA CYS D 21 -12.85 0.91 26.28
C CYS D 21 -13.75 0.00 27.12
N THR D 22 -13.39 -1.28 27.16
CA THR D 22 -14.32 -2.28 27.68
C THR D 22 -13.71 -3.26 28.67
N THR D 23 -12.66 -3.99 28.30
CA THR D 23 -12.15 -4.99 29.24
C THR D 23 -10.72 -4.75 29.72
N THR D 24 -9.80 -4.39 28.84
CA THR D 24 -8.42 -4.13 29.21
C THR D 24 -8.14 -2.64 29.07
N CYS D 25 -8.73 -1.85 29.97
CA CYS D 25 -8.63 -0.41 29.85
C CYS D 25 -7.28 0.11 30.35
N ILE D 26 -6.87 -0.35 31.54
CA ILE D 26 -5.59 0.09 32.09
C ILE D 26 -4.45 -0.35 31.19
N THR D 27 -4.52 -1.58 30.67
CA THR D 27 -3.50 -2.03 29.72
C THR D 27 -3.58 -1.22 28.42
N ASN D 28 -4.79 -0.91 27.95
CA ASN D 28 -4.92 -0.13 26.73
C ASN D 28 -4.43 1.29 26.94
N SER D 29 -4.78 1.90 28.09
CA SER D 29 -4.30 3.24 28.39
C SER D 29 -2.78 3.30 28.40
N ILE D 30 -2.13 2.25 28.92
CA ILE D 30 -0.67 2.18 28.91
C ILE D 30 -0.16 2.07 27.48
N ALA D 31 -0.79 1.22 26.67
CA ALA D 31 -0.33 1.00 25.29
C ALA D 31 -0.30 2.31 24.51
N ASN D 32 -1.39 3.08 24.56
CA ASN D 32 -1.41 4.36 23.87
C ASN D 32 -0.40 5.33 24.48
N TYR D 33 -0.25 5.28 25.81
CA TYR D 33 0.73 6.12 26.48
C TYR D 33 2.15 5.81 26.02
N VAL D 34 2.49 4.52 25.94
CA VAL D 34 3.79 4.13 25.40
C VAL D 34 3.93 4.60 23.96
N ALA D 35 2.89 4.40 23.15
CA ALA D 35 2.93 4.84 21.76
C ALA D 35 3.11 6.35 21.68
N PHE D 36 2.40 7.10 22.54
CA PHE D 36 2.52 8.55 22.53
C PHE D 36 3.97 9.00 22.74
N GLY D 37 4.69 8.31 23.62
CA GLY D 37 6.09 8.65 23.83
C GLY D 37 6.93 8.38 22.59
N GLU D 38 6.73 7.22 21.97
CA GLU D 38 7.43 6.91 20.73
C GLU D 38 7.09 7.92 19.64
N GLN D 39 5.87 8.46 19.68
CA GLN D 39 5.45 9.45 18.68
C GLN D 39 6.16 10.78 18.89
N ILE D 40 6.17 11.29 20.14
CA ILE D 40 6.80 12.57 20.43
C ILE D 40 8.30 12.48 20.57
N GLY D 41 8.88 11.28 20.43
CA GLY D 41 10.32 11.15 20.49
C GLY D 41 10.89 11.08 21.89
N PHE D 42 10.10 10.65 22.87
CA PHE D 42 10.54 10.56 24.27
C PHE D 42 10.04 9.25 24.85
N PRO D 43 10.78 8.16 24.66
CA PRO D 43 10.36 6.88 25.24
C PRO D 43 10.32 6.94 26.76
N PHE D 44 9.14 6.68 27.31
CA PHE D 44 8.94 6.75 28.75
C PHE D 44 9.53 5.53 29.44
N LYS D 45 10.09 5.74 30.62
CA LYS D 45 10.58 4.66 31.46
C LYS D 45 9.79 4.47 32.74
N SER D 46 8.84 5.37 33.04
CA SER D 46 8.07 5.29 34.26
C SER D 46 6.64 5.73 33.98
N ALA D 47 5.75 5.41 34.91
CA ALA D 47 4.34 5.77 34.79
C ALA D 47 3.66 5.64 36.14
N GLN D 48 2.58 6.40 36.32
CA GLN D 48 1.79 6.37 37.54
C GLN D 48 0.32 6.27 37.15
N VAL D 49 -0.41 5.36 37.81
CA VAL D 49 -1.82 5.11 37.52
C VAL D 49 -2.57 4.93 38.84
N PHE D 50 -3.90 4.95 38.75
CA PHE D 50 -4.78 4.56 39.84
C PHE D 50 -5.28 3.15 39.61
N ILE D 51 -5.22 2.32 40.65
CA ILE D 51 -5.84 1.00 40.62
C ILE D 51 -7.11 0.96 41.45
N ALA D 52 -7.55 2.10 41.96
CA ALA D 52 -8.73 2.19 42.80
C ALA D 52 -9.10 3.66 42.94
N GLY D 53 -10.38 3.89 43.24
CA GLY D 53 -10.88 5.24 43.46
C GLY D 53 -10.79 6.18 42.27
N PRO D 54 -10.23 7.38 42.49
CA PRO D 54 -9.63 7.79 43.76
C PRO D 54 -10.64 8.40 44.74
N ARG D 55 -11.91 8.49 44.34
CA ARG D 55 -12.92 9.11 45.18
C ARG D 55 -13.66 8.12 46.06
N LYS D 56 -13.52 6.82 45.82
CA LYS D 56 -14.18 5.79 46.60
C LYS D 56 -13.22 4.63 46.80
N ALA D 57 -13.31 4.00 47.98
CA ALA D 57 -12.42 2.87 48.31
C ALA D 57 -12.93 1.61 47.62
N VAL D 58 -12.85 1.61 46.30
CA VAL D 58 -13.30 0.50 45.47
C VAL D 58 -12.20 0.19 44.46
N ILE D 59 -11.96 -1.10 44.23
CA ILE D 59 -10.93 -1.54 43.29
C ILE D 59 -11.47 -1.41 41.87
N ASN D 60 -10.73 -0.67 41.02
CA ASN D 60 -11.15 -0.43 39.65
C ASN D 60 -10.68 -1.52 38.69
N ILE D 61 -9.48 -2.04 38.90
CA ILE D 61 -8.91 -3.00 37.95
C ILE D 61 -9.71 -4.31 37.99
N GLN D 62 -9.62 -5.05 36.90
CA GLN D 62 -10.30 -6.32 36.73
C GLN D 62 -9.27 -7.43 36.52
N GLU D 63 -9.70 -8.67 36.83
CA GLU D 63 -8.79 -9.80 36.70
C GLU D 63 -8.33 -9.98 35.26
N ASP D 64 -9.18 -9.63 34.29
CA ASP D 64 -8.77 -9.67 32.89
C ASP D 64 -7.65 -8.67 32.62
N ASP D 65 -7.81 -7.44 33.11
CA ASP D 65 -6.79 -6.41 32.90
C ASP D 65 -5.49 -6.75 33.61
N LYS D 66 -5.57 -7.41 34.76
CA LYS D 66 -4.37 -7.74 35.54
C LYS D 66 -3.37 -8.54 34.71
N VAL D 67 -3.82 -9.61 34.06
CA VAL D 67 -2.91 -10.51 33.36
C VAL D 67 -2.21 -9.79 32.21
N GLU D 68 -2.98 -9.05 31.42
CA GLU D 68 -2.39 -8.39 30.26
C GLU D 68 -1.54 -7.18 30.67
N LEU D 69 -1.83 -6.58 31.82
CA LEU D 69 -1.04 -5.44 32.27
C LEU D 69 0.38 -5.87 32.63
N LEU D 70 0.53 -7.02 33.30
CA LEU D 70 1.85 -7.50 33.68
C LEU D 70 2.73 -7.73 32.45
N LYS D 71 2.16 -8.36 31.41
CA LYS D 71 2.90 -8.55 30.17
C LYS D 71 3.24 -7.21 29.53
N MET D 72 2.32 -6.24 29.63
CA MET D 72 2.56 -4.92 29.06
C MET D 72 3.71 -4.20 29.76
N ILE D 73 3.79 -4.34 31.08
CA ILE D 73 4.84 -3.66 31.83
C ILE D 73 6.19 -4.29 31.55
N VAL D 74 6.26 -5.62 31.53
CA VAL D 74 7.54 -6.30 31.32
C VAL D 74 8.04 -6.11 29.89
N LYS D 75 7.13 -6.10 28.92
CA LYS D 75 7.54 -5.97 27.53
C LYS D 75 8.26 -4.65 27.27
N HIS D 76 7.80 -3.57 27.90
CA HIS D 76 8.43 -2.26 27.73
C HIS D 76 9.33 -1.87 28.88
N ASN D 77 9.57 -2.78 29.82
CA ASN D 77 10.49 -2.58 30.95
C ASN D 77 10.14 -1.28 31.69
N LEU D 78 8.89 -1.20 32.13
CA LEU D 78 8.35 0.01 32.72
C LEU D 78 8.41 -0.05 34.25
N TRP D 79 8.71 1.09 34.85
CA TRP D 79 8.67 1.27 36.30
C TRP D 79 7.39 1.99 36.66
N VAL D 80 6.42 1.26 37.21
CA VAL D 80 5.06 1.76 37.40
C VAL D 80 4.74 1.79 38.88
N VAL D 81 4.16 2.90 39.34
CA VAL D 81 3.59 3.00 40.67
C VAL D 81 2.10 3.25 40.57
N ALA D 82 1.39 2.97 41.66
CA ALA D 82 -0.03 3.24 41.78
C ALA D 82 -0.22 4.27 42.89
N HIS D 83 -0.86 5.38 42.56
CA HIS D 83 -1.25 6.34 43.58
C HIS D 83 -2.47 5.81 44.31
N GLY D 84 -2.38 5.72 45.63
CA GLY D 84 -3.50 5.25 46.41
C GLY D 84 -4.69 6.19 46.33
N THR D 85 -5.85 5.68 46.70
CA THR D 85 -7.03 6.52 46.77
C THR D 85 -6.85 7.58 47.85
N TYR D 86 -7.64 8.64 47.76
CA TYR D 86 -7.54 9.71 48.76
C TYR D 86 -8.05 9.28 50.13
N LEU D 87 -8.64 8.09 50.23
CA LEU D 87 -9.15 7.57 51.49
C LEU D 87 -8.09 6.78 52.26
N ASP D 88 -6.87 6.68 51.74
CA ASP D 88 -5.83 5.84 52.34
C ASP D 88 -5.09 6.63 53.40
N VAL D 89 -5.58 6.55 54.64
CA VAL D 89 -4.94 7.20 55.77
C VAL D 89 -4.82 6.19 56.90
N PRO D 90 -3.74 5.41 56.96
CA PRO D 90 -3.62 4.39 58.01
C PRO D 90 -3.61 4.96 59.42
N TRP D 91 -3.33 6.25 59.59
CA TRP D 91 -3.33 6.87 60.91
C TRP D 91 -4.58 7.72 61.10
N SER D 92 -5.75 7.11 60.90
CA SER D 92 -7.02 7.80 61.01
C SER D 92 -7.99 6.95 61.81
N ARG D 93 -9.22 7.43 61.92
CA ARG D 93 -10.27 6.67 62.60
C ARG D 93 -10.62 5.46 61.76
N ARG D 94 -10.90 4.34 62.44
CA ARG D 94 -11.25 3.07 61.78
C ARG D 94 -10.13 2.65 60.82
N SER D 95 -8.94 2.49 61.38
CA SER D 95 -7.76 2.11 60.62
C SER D 95 -7.69 0.62 60.35
N ALA D 96 -8.74 -0.12 60.67
CA ALA D 96 -8.79 -1.55 60.37
C ALA D 96 -9.28 -1.81 58.95
N PHE D 97 -10.30 -1.06 58.51
CA PHE D 97 -10.72 -1.18 57.12
C PHE D 97 -9.68 -0.59 56.17
N VAL D 98 -9.19 0.61 56.48
CA VAL D 98 -8.28 1.31 55.57
C VAL D 98 -7.03 0.47 55.35
N THR D 99 -6.47 -0.07 56.43
CA THR D 99 -5.28 -0.91 56.32
C THR D 99 -5.56 -2.13 55.46
N HIS D 100 -6.72 -2.78 55.66
CA HIS D 100 -7.07 -3.94 54.85
C HIS D 100 -7.26 -3.57 53.38
N PHE D 101 -7.67 -2.34 53.10
CA PHE D 101 -7.83 -1.93 51.71
C PHE D 101 -6.48 -1.75 51.03
N ILE D 102 -5.52 -1.14 51.72
CA ILE D 102 -4.17 -1.00 51.18
C ILE D 102 -3.54 -2.37 50.95
N GLN D 103 -3.78 -3.32 51.88
CA GLN D 103 -3.30 -4.68 51.66
C GLN D 103 -3.83 -5.24 50.35
N GLN D 104 -5.08 -4.90 50.00
CA GLN D 104 -5.62 -5.32 48.72
C GLN D 104 -4.85 -4.67 47.58
N GLU D 105 -4.69 -3.34 47.64
CA GLU D 105 -3.93 -2.63 46.62
C GLU D 105 -2.49 -3.15 46.54
N LEU D 106 -1.86 -3.36 47.70
CA LEU D 106 -0.47 -3.82 47.70
C LEU D 106 -0.33 -5.17 47.01
N LEU D 107 -1.24 -6.10 47.29
CA LEU D 107 -1.17 -7.41 46.67
C LEU D 107 -1.40 -7.34 45.17
N ILE D 108 -2.25 -6.42 44.71
CA ILE D 108 -2.51 -6.28 43.27
C ILE D 108 -1.28 -5.71 42.57
N CYS D 109 -0.59 -4.76 43.19
CA CYS D 109 0.61 -4.20 42.59
C CYS D 109 1.66 -5.27 42.35
N LYS D 110 1.87 -6.15 43.33
CA LYS D 110 2.75 -7.30 43.11
C LYS D 110 2.21 -8.21 42.01
N GLU D 111 0.88 -8.37 41.96
CA GLU D 111 0.27 -9.26 40.97
C GLU D 111 0.56 -8.83 39.54
N VAL D 112 0.66 -7.52 39.29
CA VAL D 112 0.74 -6.99 37.94
C VAL D 112 2.09 -6.33 37.66
N GLY D 113 3.04 -6.38 38.59
CA GLY D 113 4.35 -5.82 38.35
C GLY D 113 4.50 -4.35 38.64
N ILE D 114 3.59 -3.77 39.43
CA ILE D 114 3.72 -2.38 39.85
C ILE D 114 4.67 -2.33 41.04
N LYS D 115 5.56 -1.33 41.04
CA LYS D 115 6.68 -1.31 41.96
C LYS D 115 6.40 -0.57 43.27
N GLY D 116 5.20 -0.05 43.48
CA GLY D 116 4.93 0.63 44.73
C GLY D 116 3.57 1.27 44.75
N LEU D 117 3.22 1.78 45.93
CA LEU D 117 1.97 2.48 46.17
C LEU D 117 2.26 3.79 46.87
N VAL D 118 1.71 4.88 46.37
CA VAL D 118 1.95 6.21 46.91
C VAL D 118 0.83 6.56 47.88
N LEU D 119 1.21 6.88 49.12
CA LEU D 119 0.28 7.32 50.15
C LEU D 119 0.62 8.74 50.57
N HIS D 120 -0.41 9.54 50.83
CA HIS D 120 -0.21 10.90 51.30
C HIS D 120 0.08 10.95 52.79
N LEU D 121 1.01 11.82 53.18
CA LEU D 121 1.31 12.05 54.58
C LEU D 121 0.37 13.10 55.14
N GLY D 122 -0.12 12.85 56.35
CA GLY D 122 -0.93 13.84 57.03
C GLY D 122 -0.09 14.85 57.78
N ALA D 123 -0.73 15.93 58.20
CA ALA D 123 -0.08 16.93 59.04
C ALA D 123 -0.11 16.51 60.51
N VAL D 124 0.44 15.32 60.76
CA VAL D 124 0.40 14.70 62.07
C VAL D 124 1.81 14.35 62.52
N GLU D 125 1.98 14.22 63.84
CA GLU D 125 3.25 13.83 64.41
C GLU D 125 3.69 12.47 63.86
N PRO D 126 5.00 12.26 63.68
CA PRO D 126 5.47 11.02 63.04
C PRO D 126 5.10 9.76 63.80
N GLU D 127 4.96 9.83 65.12
CA GLU D 127 4.67 8.63 65.89
C GLU D 127 3.32 8.03 65.49
N LEU D 128 2.37 8.87 65.09
CA LEU D 128 1.10 8.36 64.59
C LEU D 128 1.25 7.76 63.20
N ILE D 129 2.15 8.33 62.38
CA ILE D 129 2.34 7.83 61.02
C ILE D 129 2.91 6.42 61.05
N VAL D 130 3.95 6.20 61.85
CA VAL D 130 4.54 4.87 61.94
C VAL D 130 3.56 3.90 62.60
N GLU D 131 2.73 4.40 63.52
CA GLU D 131 1.72 3.54 64.14
C GLU D 131 0.79 2.94 63.08
N GLY D 132 0.29 3.78 62.17
CA GLY D 132 -0.52 3.26 61.09
C GLY D 132 0.26 2.37 60.15
N LEU D 133 1.51 2.74 59.86
CA LEU D 133 2.34 1.93 58.97
C LEU D 133 2.70 0.60 59.60
N LYS D 134 2.83 0.54 60.93
CA LYS D 134 3.10 -0.73 61.59
C LYS D 134 1.94 -1.71 61.43
N LYS D 135 0.73 -1.21 61.18
CA LYS D 135 -0.43 -2.08 60.98
C LYS D 135 -0.46 -2.70 59.60
N ILE D 136 0.48 -2.37 58.72
CA ILE D 136 0.48 -2.82 57.33
C ILE D 136 1.52 -3.91 57.18
N LYS D 137 1.06 -5.13 56.87
CA LYS D 137 1.95 -6.22 56.53
C LYS D 137 2.43 -6.05 55.10
N PRO D 138 3.74 -5.96 54.86
CA PRO D 138 4.21 -5.64 53.51
C PRO D 138 4.15 -6.85 52.59
N VAL D 139 4.20 -6.56 51.29
CA VAL D 139 4.35 -7.57 50.25
C VAL D 139 5.67 -7.32 49.54
N GLU D 140 6.36 -8.40 49.18
CA GLU D 140 7.72 -8.28 48.65
C GLU D 140 7.68 -7.79 47.21
N GLY D 141 8.49 -6.76 46.93
CA GLY D 141 8.54 -6.15 45.62
C GLY D 141 7.74 -4.87 45.49
N VAL D 142 6.96 -4.52 46.50
CA VAL D 142 6.13 -3.31 46.50
C VAL D 142 6.51 -2.48 47.71
N VAL D 143 6.90 -1.23 47.48
CA VAL D 143 7.36 -0.32 48.53
C VAL D 143 6.36 0.81 48.65
N ILE D 144 6.00 1.15 49.88
CA ILE D 144 5.07 2.24 50.14
C ILE D 144 5.84 3.55 50.10
N TYR D 145 5.46 4.43 49.17
CA TYR D 145 6.06 5.75 49.05
C TYR D 145 5.21 6.77 49.79
N LEU D 146 5.85 7.56 50.65
CA LEU D 146 5.18 8.58 51.44
C LEU D 146 5.36 9.93 50.76
N GLU D 147 4.26 10.52 50.29
CA GLU D 147 4.30 11.74 49.52
C GLU D 147 4.25 12.97 50.43
N THR D 148 5.00 14.00 50.05
CA THR D 148 5.04 15.23 50.83
C THR D 148 3.68 15.93 50.78
N PRO D 149 3.12 16.33 51.91
CA PRO D 149 1.81 17.02 51.90
C PRO D 149 1.91 18.51 51.57
N HIS D 150 0.82 19.24 51.80
CA HIS D 150 0.75 20.64 51.43
C HIS D 150 -0.23 21.35 52.36
N ASN D 151 0.29 22.18 53.26
CA ASN D 151 -0.55 22.97 54.14
C ASN D 151 0.20 24.25 54.52
N LYS D 152 -0.54 25.19 55.12
CA LYS D 152 -0.01 26.52 55.36
C LYS D 152 0.28 26.81 56.82
N HIS D 153 -0.68 26.64 57.72
CA HIS D 153 -0.52 26.99 59.13
C HIS D 153 -0.53 25.78 60.05
N HIS D 154 0.04 24.66 59.60
CA HIS D 154 0.16 23.45 60.39
C HIS D 154 1.62 23.21 60.74
N THR D 155 1.86 22.72 61.96
CA THR D 155 3.22 22.45 62.40
C THR D 155 3.90 21.40 61.53
N TYR D 156 3.26 20.23 61.37
CA TYR D 156 3.89 19.14 60.62
C TYR D 156 3.59 19.30 59.14
N LYS D 157 4.60 19.77 58.41
CA LYS D 157 4.51 19.98 56.97
C LYS D 157 5.26 18.95 56.15
N TYR D 158 6.30 18.33 56.74
CA TYR D 158 7.15 17.36 56.05
C TYR D 158 7.66 17.89 54.71
N SER D 159 7.97 19.18 54.66
CA SER D 159 8.58 19.78 53.49
C SER D 159 9.98 20.33 53.75
N THR D 160 10.38 20.46 55.00
CA THR D 160 11.75 20.77 55.35
C THR D 160 12.49 19.48 55.70
N MET D 161 13.80 19.50 55.51
CA MET D 161 14.57 18.28 55.72
C MET D 161 14.58 17.87 57.19
N GLU D 162 14.43 18.83 58.10
CA GLU D 162 14.40 18.51 59.52
C GLU D 162 13.23 17.61 59.87
N GLN D 163 12.09 17.83 59.24
CA GLN D 163 10.91 17.02 59.52
C GLN D 163 10.97 15.69 58.79
N ILE D 164 11.49 15.67 57.56
CA ILE D 164 11.66 14.43 56.84
C ILE D 164 12.64 13.53 57.58
N LYS D 165 13.71 14.13 58.10
CA LYS D 165 14.70 13.38 58.86
C LYS D 165 14.08 12.76 60.12
N GLU D 166 13.35 13.57 60.89
CA GLU D 166 12.73 13.07 62.11
C GLU D 166 11.73 11.96 61.82
N LEU D 167 10.98 12.10 60.72
CA LEU D 167 10.03 11.05 60.33
C LEU D 167 10.73 9.75 60.02
N PHE D 168 11.65 9.77 59.05
CA PHE D 168 12.29 8.54 58.60
C PHE D 168 13.26 7.96 59.63
N LEU D 169 13.76 8.78 60.55
CA LEU D 169 14.53 8.23 61.66
C LEU D 169 13.68 7.32 62.52
N ARG D 170 12.45 7.74 62.82
CA ARG D 170 11.53 6.87 63.55
C ARG D 170 11.21 5.61 62.76
N ILE D 171 11.16 5.70 61.43
CA ILE D 171 10.86 4.52 60.62
C ILE D 171 12.00 3.51 60.71
N ARG D 172 13.25 3.97 60.62
CA ARG D 172 14.38 3.06 60.66
C ARG D 172 14.55 2.48 62.06
N ASN D 173 14.31 3.28 63.10
CA ASN D 173 14.40 2.77 64.47
C ASN D 173 13.35 1.71 64.75
N THR D 174 12.24 1.73 64.02
CA THR D 174 11.18 0.75 64.16
C THR D 174 11.36 -0.45 63.24
N ARG D 175 12.46 -0.48 62.47
CA ARG D 175 12.77 -1.55 61.51
C ARG D 175 11.55 -1.91 60.68
N LEU D 176 10.99 -0.88 60.04
CA LEU D 176 9.88 -1.05 59.11
C LEU D 176 10.44 -1.18 57.69
N LYS D 177 10.07 -2.25 57.02
CA LYS D 177 10.66 -2.57 55.72
C LYS D 177 9.81 -2.02 54.57
N GLN D 178 10.48 -1.72 53.46
CA GLN D 178 9.83 -1.31 52.21
C GLN D 178 9.00 -0.04 52.40
N ILE D 179 9.65 1.00 52.89
CA ILE D 179 9.07 2.33 53.00
C ILE D 179 9.94 3.30 52.21
N GLY D 180 9.31 4.09 51.34
CA GLY D 180 10.03 5.03 50.52
C GLY D 180 9.54 6.45 50.68
N LEU D 181 10.07 7.38 49.87
CA LEU D 181 9.72 8.79 49.95
C LEU D 181 9.39 9.31 48.57
N CYS D 182 8.25 10.00 48.43
CA CYS D 182 7.85 10.64 47.20
C CYS D 182 7.85 12.14 47.39
N ILE D 183 8.62 12.84 46.56
CA ILE D 183 8.80 14.29 46.68
C ILE D 183 8.01 14.95 45.57
N ASP D 184 6.99 15.71 45.95
CA ASP D 184 6.20 16.51 45.01
C ASP D 184 6.71 17.94 45.07
N THR D 185 7.29 18.41 43.96
CA THR D 185 7.85 19.76 43.93
C THR D 185 6.78 20.81 44.23
N ALA D 186 5.56 20.60 43.71
CA ALA D 186 4.49 21.55 43.98
C ALA D 186 4.05 21.52 45.43
N HIS D 187 4.08 20.33 46.05
CA HIS D 187 3.62 20.20 47.43
C HIS D 187 4.58 20.87 48.40
N ILE D 188 5.89 20.62 48.24
CA ILE D 188 6.86 21.25 49.14
C ILE D 188 6.94 22.74 48.87
N TRP D 189 6.62 23.17 47.65
CA TRP D 189 6.64 24.60 47.34
C TRP D 189 5.44 25.32 47.95
N SER D 190 4.25 24.72 47.83
CA SER D 190 3.07 25.28 48.48
C SER D 190 3.11 25.15 50.00
N SER D 191 4.17 24.58 50.57
CA SER D 191 4.32 24.45 52.00
C SER D 191 5.35 25.41 52.57
N GLY D 192 5.92 26.28 51.75
CA GLY D 192 6.82 27.33 52.23
C GLY D 192 8.24 27.22 51.72
N VAL D 193 8.62 26.13 51.05
CA VAL D 193 10.00 25.92 50.64
C VAL D 193 10.14 26.45 49.21
N ASN D 194 10.86 27.56 49.06
CA ASN D 194 11.09 28.16 47.76
C ASN D 194 12.17 27.38 47.02
N ILE D 195 11.82 26.82 45.87
CA ILE D 195 12.75 26.03 45.08
C ILE D 195 12.82 26.61 43.67
N SER D 196 12.75 27.93 43.56
CA SER D 196 12.73 28.56 42.24
C SER D 196 14.11 28.60 41.61
N SER D 197 15.10 29.14 42.32
CA SER D 197 16.43 29.27 41.77
C SER D 197 17.21 27.97 41.89
N TYR D 198 18.27 27.86 41.10
CA TYR D 198 19.08 26.65 41.10
C TYR D 198 19.71 26.41 42.46
N ASN D 199 20.16 27.48 43.13
CA ASN D 199 20.85 27.29 44.40
C ASN D 199 19.88 26.95 45.53
N ASP D 200 18.66 27.49 45.48
CA ASP D 200 17.68 27.17 46.52
C ASP D 200 17.27 25.71 46.45
N ALA D 201 17.00 25.20 45.24
CA ALA D 201 16.81 23.77 45.08
C ALA D 201 18.08 23.00 45.43
N GLY D 202 19.24 23.60 45.15
CA GLY D 202 20.50 22.95 45.49
C GLY D 202 20.60 22.62 46.97
N GLN D 203 20.38 23.62 47.83
CA GLN D 203 20.51 23.40 49.27
C GLN D 203 19.50 22.38 49.77
N TRP D 204 18.29 22.38 49.20
CA TRP D 204 17.30 21.41 49.62
C TRP D 204 17.74 19.99 49.26
N LEU D 205 18.17 19.80 48.02
CA LEU D 205 18.66 18.48 47.61
C LEU D 205 19.95 18.13 48.33
N ARG D 206 20.82 19.13 48.57
CA ARG D 206 22.01 18.92 49.38
C ARG D 206 21.66 18.40 50.76
N SER D 207 20.63 18.99 51.38
CA SER D 207 20.21 18.51 52.70
C SER D 207 19.60 17.13 52.63
N LEU D 208 18.95 16.80 51.52
CA LEU D 208 18.40 15.45 51.36
C LEU D 208 19.51 14.41 51.22
N GLU D 209 20.57 14.73 50.49
CA GLU D 209 21.68 13.79 50.35
C GLU D 209 22.40 13.57 51.66
N ASN D 210 22.44 14.59 52.53
CA ASN D 210 23.13 14.46 53.80
C ASN D 210 22.44 13.50 54.76
N ILE D 211 21.20 13.10 54.48
CA ILE D 211 20.48 12.15 55.33
C ILE D 211 20.20 10.89 54.55
N HIS D 212 21.08 10.55 53.60
CA HIS D 212 20.90 9.36 52.78
C HIS D 212 20.96 8.07 53.60
N SER D 213 21.60 8.10 54.76
CA SER D 213 21.60 6.92 55.62
C SER D 213 20.22 6.65 56.19
N VAL D 214 19.39 7.68 56.32
CA VAL D 214 18.03 7.52 56.84
C VAL D 214 17.04 7.21 55.72
N ILE D 215 17.14 7.92 54.61
CA ILE D 215 16.30 7.67 53.44
C ILE D 215 17.20 7.62 52.21
N PRO D 216 17.58 6.42 51.76
CA PRO D 216 18.51 6.33 50.64
C PRO D 216 17.83 6.70 49.34
N PRO D 217 18.57 7.26 48.38
CA PRO D 217 17.96 7.63 47.09
C PRO D 217 17.41 6.45 46.30
N SER D 218 17.76 5.21 46.67
CA SER D 218 17.16 4.06 46.01
C SER D 218 15.68 3.91 46.35
N HIS D 219 15.23 4.53 47.45
CA HIS D 219 13.83 4.49 47.86
C HIS D 219 13.16 5.86 47.73
N ILE D 220 13.55 6.63 46.72
CA ILE D 220 13.06 7.99 46.52
C ILE D 220 12.54 8.12 45.10
N MET D 221 11.35 8.71 44.95
CA MET D 221 10.78 9.05 43.65
C MET D 221 10.32 10.49 43.69
N PHE D 222 9.98 11.03 42.52
CA PHE D 222 9.67 12.45 42.38
C PHE D 222 8.38 12.64 41.59
N HIS D 223 7.61 13.66 41.99
CA HIS D 223 6.50 14.19 41.22
C HIS D 223 6.96 15.55 40.71
N LEU D 224 7.32 15.61 39.43
CA LEU D 224 7.84 16.84 38.83
C LEU D 224 6.65 17.67 38.39
N ASN D 225 6.20 18.57 39.26
CA ASN D 225 5.06 19.42 38.99
C ASN D 225 5.44 20.87 39.24
N ASP D 226 5.07 21.75 38.31
CA ASP D 226 5.04 23.17 38.62
C ASP D 226 3.77 23.47 39.44
N ALA D 227 3.68 24.70 39.92
CA ALA D 227 2.58 25.07 40.80
C ALA D 227 1.97 26.39 40.36
N ALA D 228 0.65 26.45 40.33
CA ALA D 228 -0.10 27.66 40.00
C ALA D 228 -0.59 28.40 41.25
N THR D 229 0.19 28.37 42.33
CA THR D 229 -0.16 29.09 43.54
C THR D 229 1.07 29.81 44.08
N GLU D 230 0.95 30.41 45.25
CA GLU D 230 2.06 31.13 45.86
C GLU D 230 2.82 30.20 46.80
N CYS D 231 4.09 30.49 47.01
CA CYS D 231 4.90 29.73 47.94
C CYS D 231 4.35 29.87 49.35
N GLY D 232 3.94 28.75 49.95
CA GLY D 232 3.38 28.76 51.29
C GLY D 232 1.89 28.93 51.34
N SER D 233 1.20 29.00 50.19
CA SER D 233 -0.25 29.19 50.19
C SER D 233 -0.95 28.00 50.83
N GLY D 234 -0.47 26.79 50.59
CA GLY D 234 -1.12 25.59 51.08
C GLY D 234 -2.09 24.96 50.11
N ILE D 235 -2.06 25.37 48.84
CA ILE D 235 -3.00 24.91 47.84
C ILE D 235 -2.28 24.03 46.84
N ASP D 236 -2.86 22.88 46.53
CA ASP D 236 -2.31 21.96 45.54
C ASP D 236 -2.91 22.33 44.18
N ARG D 237 -2.11 22.98 43.34
CA ARG D 237 -2.52 23.34 41.98
C ARG D 237 -1.34 23.05 41.06
N HIS D 238 -1.33 21.86 40.47
CA HIS D 238 -0.23 21.51 39.58
C HIS D 238 -0.27 22.37 38.32
N ALA D 239 0.90 22.52 37.71
CA ALA D 239 1.01 23.27 36.47
C ALA D 239 2.13 22.68 35.63
N SER D 240 2.11 23.00 34.34
CA SER D 240 3.15 22.52 33.45
C SER D 240 4.49 23.16 33.80
N LEU D 241 5.56 22.44 33.52
CA LEU D 241 6.90 22.91 33.88
C LEU D 241 7.20 24.23 33.18
N PHE D 242 7.67 25.20 33.95
CA PHE D 242 8.01 26.56 33.52
C PHE D 242 6.77 27.36 33.15
N GLU D 243 5.58 26.86 33.47
CA GLU D 243 4.33 27.58 33.27
C GLU D 243 3.65 27.97 34.56
N GLY D 244 4.17 27.54 35.72
CA GLY D 244 3.61 27.90 36.99
C GLY D 244 4.47 28.92 37.72
N MET D 245 4.03 29.27 38.93
CA MET D 245 4.65 30.35 39.69
C MET D 245 6.02 29.99 40.25
N ILE D 246 6.49 28.76 40.06
CA ILE D 246 7.82 28.39 40.54
C ILE D 246 8.90 28.73 39.52
N TRP D 247 8.73 28.27 38.29
CA TRP D 247 9.79 28.36 37.28
C TRP D 247 9.36 29.10 36.02
N LYS D 248 8.29 29.89 36.08
CA LYS D 248 7.91 30.70 34.92
C LYS D 248 8.99 31.71 34.57
N SER D 249 9.64 32.28 35.59
CA SER D 249 10.70 33.26 35.35
C SER D 249 11.89 32.66 34.61
N TYR D 250 12.01 31.34 34.58
CA TYR D 250 13.13 30.66 33.94
C TYR D 250 12.70 29.99 32.64
N SER D 251 11.84 30.66 31.86
CA SER D 251 11.33 30.04 30.64
C SER D 251 12.38 29.96 29.57
N HIS D 252 13.33 30.89 29.54
CA HIS D 252 14.41 30.89 28.54
C HIS D 252 15.78 30.83 29.20
N LYS D 253 15.85 30.41 30.46
CA LYS D 253 17.09 30.13 31.15
C LYS D 253 16.84 28.87 31.99
N ILE D 254 16.46 27.80 31.30
CA ILE D 254 15.93 26.62 31.98
C ILE D 254 17.01 25.90 32.77
N LYS D 255 18.26 25.98 32.34
CA LYS D 255 19.33 25.32 33.07
C LYS D 255 19.82 26.10 34.28
N GLN D 256 19.20 27.26 34.57
CA GLN D 256 19.45 27.99 35.80
C GLN D 256 18.30 27.85 36.78
N SER D 257 17.32 27.01 36.48
CA SER D 257 16.13 26.87 37.31
C SER D 257 16.33 25.78 38.34
N GLY D 258 15.55 25.85 39.41
CA GLY D 258 15.52 24.78 40.38
C GLY D 258 15.10 23.46 39.80
N LEU D 259 14.34 23.47 38.71
CA LEU D 259 13.92 22.22 38.08
C LEU D 259 15.12 21.46 37.54
N TYR D 260 16.00 22.15 36.81
CA TYR D 260 17.18 21.49 36.27
C TYR D 260 18.04 20.89 37.37
N CYS D 261 18.09 21.56 38.53
CA CYS D 261 18.79 20.99 39.68
C CYS D 261 18.12 19.70 40.15
N PHE D 262 16.79 19.65 40.07
CA PHE D 262 16.07 18.43 40.40
C PHE D 262 16.32 17.35 39.36
N VAL D 263 16.38 17.73 38.07
CA VAL D 263 16.67 16.76 37.02
C VAL D 263 18.07 16.19 37.20
N GLU D 264 19.02 17.03 37.60
CA GLU D 264 20.37 16.54 37.86
C GLU D 264 20.37 15.48 38.96
N TYR D 265 19.62 15.71 40.04
CA TYR D 265 19.50 14.70 41.09
C TYR D 265 18.86 13.42 40.55
N ILE D 266 17.82 13.56 39.73
CA ILE D 266 17.12 12.39 39.22
C ILE D 266 18.04 11.54 38.35
N THR D 267 18.83 12.19 37.49
CA THR D 267 19.77 11.46 36.66
C THR D 267 20.90 10.86 37.50
N ARG D 268 21.34 11.58 38.53
CA ARG D 268 22.44 11.10 39.36
C ARG D 268 22.09 9.79 40.04
N HIS D 269 20.90 9.71 40.62
CA HIS D 269 20.50 8.57 41.43
C HIS D 269 19.52 7.65 40.71
N GLN D 270 19.31 7.86 39.41
CA GLN D 270 18.45 7.01 38.58
C GLN D 270 17.06 6.86 39.20
N CYS D 271 16.47 7.99 39.55
CA CYS D 271 15.19 8.02 40.24
C CYS D 271 14.04 8.12 39.25
N PRO D 272 12.86 7.66 39.65
CA PRO D 272 11.67 7.88 38.81
C PRO D 272 11.09 9.26 39.03
N ALA D 273 10.57 9.83 37.94
CA ALA D 273 9.99 11.17 37.94
C ALA D 273 8.66 11.13 37.21
N ILE D 274 7.59 11.50 37.90
CA ILE D 274 6.23 11.43 37.37
C ILE D 274 5.71 12.84 37.21
N LEU D 275 5.12 13.13 36.06
CA LEU D 275 4.50 14.43 35.78
C LEU D 275 2.98 14.27 35.92
N GLU D 276 2.43 14.81 37.00
CA GLU D 276 0.99 14.70 37.28
C GLU D 276 0.27 15.92 36.71
N ARG D 277 -0.38 15.74 35.57
CA ARG D 277 -1.16 16.79 34.93
C ARG D 277 -2.60 16.30 34.80
N ASN D 278 -3.53 17.06 35.38
CA ASN D 278 -4.96 16.75 35.33
C ASN D 278 -5.65 17.86 34.55
N LEU D 279 -5.71 17.72 33.23
CA LEU D 279 -6.39 18.70 32.41
C LEU D 279 -7.80 18.20 32.07
N GLY D 280 -8.36 18.69 30.96
CA GLY D 280 -9.72 18.35 30.61
C GLY D 280 -9.85 17.19 29.65
N SER D 281 -9.31 17.37 28.45
CA SER D 281 -9.43 16.39 27.38
C SER D 281 -8.08 15.76 27.08
N SER D 282 -8.11 14.73 26.24
CA SER D 282 -6.86 14.12 25.78
C SER D 282 -6.10 15.06 24.86
N MET D 283 -6.82 15.88 24.09
CA MET D 283 -6.16 16.85 23.23
C MET D 283 -5.45 17.92 24.06
N GLN D 284 -6.09 18.37 25.14
CA GLN D 284 -5.45 19.33 26.04
C GLN D 284 -4.25 18.70 26.75
N LEU D 285 -4.40 17.46 27.21
CA LEU D 285 -3.35 16.80 27.98
C LEU D 285 -2.14 16.48 27.10
N GLN D 286 -2.36 15.83 25.95
CA GLN D 286 -1.25 15.46 25.08
C GLN D 286 -0.59 16.69 24.46
N THR D 287 -1.29 17.83 24.39
CA THR D 287 -0.63 19.06 23.95
C THR D 287 0.37 19.55 24.99
N ALA D 288 -0.07 19.63 26.26
CA ALA D 288 0.82 20.10 27.31
C ALA D 288 1.98 19.14 27.54
N LEU D 289 1.74 17.83 27.43
CA LEU D 289 2.79 16.85 27.66
C LEU D 289 3.89 16.95 26.60
N THR D 290 3.52 17.24 25.35
CA THR D 290 4.51 17.38 24.30
C THR D 290 5.44 18.55 24.58
N ALA D 291 4.90 19.65 25.10
CA ALA D 291 5.74 20.81 25.43
C ALA D 291 6.72 20.48 26.54
N GLU D 292 6.22 19.86 27.63
CA GLU D 292 7.08 19.58 28.77
C GLU D 292 8.15 18.54 28.44
N PHE D 293 7.76 17.44 27.78
CA PHE D 293 8.72 16.36 27.55
C PHE D 293 9.76 16.73 26.51
N THR D 294 9.41 17.58 25.55
CA THR D 294 10.43 18.11 24.65
C THR D 294 11.36 19.07 25.39
N THR D 295 10.84 19.77 26.41
CA THR D 295 11.71 20.60 27.23
C THR D 295 12.68 19.75 28.04
N LEU D 296 12.21 18.60 28.54
CA LEU D 296 13.11 17.68 29.22
C LEU D 296 14.12 17.07 28.24
N LYS D 297 13.66 16.75 27.03
CA LYS D 297 14.57 16.23 26.01
C LYS D 297 15.75 17.18 25.78
N SER D 298 15.47 18.48 25.73
CA SER D 298 16.54 19.47 25.59
C SER D 298 17.42 19.51 26.82
N LEU D 299 16.83 19.31 28.01
CA LEU D 299 17.62 19.31 29.23
C LEU D 299 18.57 18.11 29.28
N LEU D 300 18.17 16.99 28.68
CA LEU D 300 18.97 15.77 28.69
C LEU D 300 19.84 15.65 27.44
N LYS D 301 19.89 16.67 26.61
CA LYS D 301 20.73 16.64 25.40
C LYS D 301 22.16 17.04 25.73
ZN ZN K . -24.82 4.55 1.93
ZN ZN L . -24.06 8.17 0.49
ZN ZN M . -20.63 6.08 -1.18
C8 MES N . -21.06 5.99 3.05
S MES N . -21.90 5.57 1.68
O1S MES N . -22.79 4.43 1.96
O2S MES N . -20.94 5.21 0.60
O3S MES N . -22.71 6.73 1.23
ZN ZN O . 4.82 18.94 -13.04
ZN ZN P . 9.49 21.55 -13.85
ZN ZN Q . 8.83 18.22 -11.86
C8 MES R . 6.76 21.71 -10.67
S MES R . 6.81 20.89 -12.12
O1S MES R . 5.44 20.80 -12.69
O2S MES R . 7.68 21.63 -13.07
O3S MES R . 7.34 19.53 -11.90
ZN ZN S . 4.03 -31.96 -34.82
ZN ZN T . 6.79 -35.19 -35.05
ZN ZN U . 4.36 -36.95 -33.16
C8 MES V . 2.78 -35.80 -36.44
S MES V . 3.58 -35.45 -35.03
O1S MES V . 2.70 -35.79 -33.89
O2S MES V . 4.82 -36.26 -34.96
O3S MES V . 3.94 -34.02 -34.96
ZN ZN W . -0.69 17.50 44.20
ZN ZN X . 2.11 14.34 43.82
ZN ZN Y . -0.24 12.56 45.73
C8 MES Z . -2.01 14.26 42.31
S MES Z . -1.34 14.44 43.82
O1S MES Z . -1.50 13.15 44.54
O2S MES Z . 0.09 14.78 43.69
O3S MES Z . -2.03 15.52 44.57
#